data_7VI0
#
_entry.id   7VI0
#
_cell.length_a   43.555
_cell.length_b   88.361
_cell.length_c   90.655
_cell.angle_alpha   116.520
_cell.angle_beta   94.380
_cell.angle_gamma   91.360
#
_symmetry.space_group_name_H-M   'P 1'
#
loop_
_entity.id
_entity.type
_entity.pdbx_description
1 polymer 'Histone acetyltransferase p300'
2 non-polymer 'ZINC ION'
3 non-polymer (4S)-N-(3H-indazol-4-yl)-3-[1-(4-methoxyphenyl)cyclopentyl]carbonyl-1,1-bis(oxidanylidene)-1,3-thiazolidine-4-carboxamide
4 water water
#
_entity_poly.entity_id   1
_entity_poly.type   'polypeptide(L)'
_entity_poly.pdbx_seq_one_letter_code
;GPSLGYCCGRKLEFSPQTLCCYGKQLCTIPRDATYYSYQNRYHFCEKCFNEIQGESVSLGDDPSQPQTTINKEQFSKRKN
DTLDPELFVECTECGRKMHQICVLHHEIIWPAGFVCDGCLKKSARTRKENKFSAKRLPSTRLGTFLENRVNDFLRRQNHP
ESGEVTVRVVHASDKTVEVKPGMKARFVDSGEMAESFPYRTKALFAFEEIDGVDLCFFGMHVQEYGSDCPPPNQRRVYIS
YLDSVHFFRPKCLRTAVYHEILIGYLEYVKKLGYTTGHIWACPPSEGDDYIFHCHPPDQKIPKPKRLQEWFKKMLDKAVS
ERIVHDYKDIFKQATEDRLTSAKELPYFEGDFWPNVLEESIKESGGSGSQKLYATMEKHKEVFFVIRLIAGPAANSLPPI
VDPDPLIPCDLMDGRDAFLTLARDKHLEFSSLRRAQWSTMCMLVELHTQSQDRF
;
_entity_poly.pdbx_strand_id   A,B
#
loop_
_chem_comp.id
_chem_comp.type
_chem_comp.name
_chem_comp.formula
6YI non-polymer (4S)-N-(3H-indazol-4-yl)-3-[1-(4-methoxyphenyl)cyclopentyl]carbonyl-1,1-bis(oxidanylidene)-1,3-thiazolidine-4-carboxamide 'C24 H26 N4 O5 S'
ZN non-polymer 'ZINC ION' 'Zn 2'
#
# COMPACT_ATOMS: atom_id res chain seq x y z
N TYR A 6 -42.44 -22.74 1.85
CA TYR A 6 -41.50 -21.63 1.75
C TYR A 6 -40.49 -21.68 2.89
N CYS A 7 -39.22 -21.38 2.58
CA CYS A 7 -38.14 -21.49 3.56
C CYS A 7 -38.44 -20.67 4.79
N CYS A 8 -38.46 -19.35 4.63
CA CYS A 8 -39.11 -18.50 5.61
C CYS A 8 -40.63 -18.63 5.46
N GLY A 9 -41.36 -18.15 6.45
CA GLY A 9 -42.81 -18.23 6.41
C GLY A 9 -43.42 -17.07 5.65
N ARG A 10 -42.66 -16.50 4.73
CA ARG A 10 -42.95 -15.18 4.18
C ARG A 10 -43.35 -15.25 2.72
N LYS A 11 -44.40 -14.50 2.38
CA LYS A 11 -44.82 -14.31 0.99
C LYS A 11 -44.14 -13.04 0.47
N LEU A 12 -43.23 -13.19 -0.47
CA LEU A 12 -42.34 -12.12 -0.89
C LEU A 12 -42.51 -11.81 -2.37
N GLU A 13 -42.49 -10.53 -2.71
CA GLU A 13 -42.57 -10.08 -4.09
C GLU A 13 -41.74 -8.82 -4.24
N PHE A 14 -41.27 -8.58 -5.46
CA PHE A 14 -40.50 -7.38 -5.76
C PHE A 14 -41.43 -6.18 -5.89
N SER A 15 -40.85 -4.98 -5.66
CA SER A 15 -41.62 -3.74 -5.68
C SER A 15 -41.73 -3.18 -7.09
N PRO A 16 -42.81 -2.47 -7.39
CA PRO A 16 -42.90 -1.78 -8.69
C PRO A 16 -41.75 -0.80 -8.85
N GLN A 17 -40.97 -0.99 -9.90
CA GLN A 17 -39.90 -0.03 -10.18
C GLN A 17 -40.51 1.26 -10.73
N THR A 18 -39.82 2.37 -10.48
CA THR A 18 -40.25 3.70 -10.88
C THR A 18 -39.85 4.04 -12.31
N LEU A 19 -40.69 4.86 -12.96
CA LEU A 19 -40.62 5.27 -14.38
C LEU A 19 -40.50 6.80 -14.54
N CYS A 20 -40.81 7.35 -15.74
CA CYS A 20 -40.58 8.76 -16.06
C CYS A 20 -41.64 9.41 -16.97
N CYS A 21 -42.16 10.59 -16.60
CA CYS A 21 -43.04 11.32 -17.52
C CYS A 21 -42.15 11.81 -18.67
N TYR A 22 -42.23 11.11 -19.80
CA TYR A 22 -41.41 11.39 -20.98
C TYR A 22 -41.58 12.83 -21.47
N GLY A 23 -42.64 13.51 -21.03
CA GLY A 23 -42.85 14.91 -21.35
C GLY A 23 -41.91 15.81 -20.59
N LYS A 24 -42.13 15.97 -19.28
CA LYS A 24 -41.29 16.80 -18.43
C LYS A 24 -40.05 16.05 -17.95
N GLN A 25 -38.87 16.62 -18.20
CA GLN A 25 -37.65 16.03 -17.66
C GLN A 25 -37.64 16.13 -16.14
N LEU A 26 -37.01 15.14 -15.50
CA LEU A 26 -36.93 15.05 -14.05
C LEU A 26 -38.28 14.79 -13.38
N CYS A 27 -39.29 14.36 -14.13
CA CYS A 27 -40.54 13.85 -13.57
C CYS A 27 -40.49 12.33 -13.47
N THR A 28 -41.05 11.78 -12.40
CA THR A 28 -40.99 10.34 -12.15
C THR A 28 -42.36 9.79 -11.81
N ILE A 29 -42.55 8.49 -12.07
CA ILE A 29 -43.80 7.80 -11.78
C ILE A 29 -43.52 6.77 -10.68
N PRO A 30 -43.99 6.99 -9.46
CA PRO A 30 -43.69 6.08 -8.35
C PRO A 30 -44.65 4.91 -8.24
N ARG A 31 -44.43 4.08 -7.20
CA ARG A 31 -45.32 2.97 -6.93
C ARG A 31 -46.74 3.46 -6.73
N ASP A 32 -47.70 2.73 -7.33
CA ASP A 32 -49.14 2.95 -7.25
C ASP A 32 -49.64 4.18 -8.00
N ALA A 33 -48.79 4.87 -8.76
CA ALA A 33 -49.28 5.99 -9.54
C ALA A 33 -49.92 5.51 -10.84
N THR A 34 -50.80 6.35 -11.39
CA THR A 34 -51.49 6.05 -12.64
C THR A 34 -50.73 6.70 -13.79
N TYR A 35 -50.54 5.94 -14.88
CA TYR A 35 -49.73 6.43 -15.98
C TYR A 35 -50.23 5.86 -17.31
N TYR A 36 -49.63 6.36 -18.39
CA TYR A 36 -49.95 5.97 -19.76
C TYR A 36 -48.68 5.52 -20.45
N SER A 37 -48.72 4.36 -21.10
CA SER A 37 -47.53 3.78 -21.70
C SER A 37 -47.81 3.30 -23.11
N TYR A 38 -46.78 3.35 -23.96
CA TYR A 38 -46.84 2.89 -25.34
C TYR A 38 -45.69 1.93 -25.57
N GLN A 39 -46.00 0.71 -26.00
CA GLN A 39 -45.01 -0.32 -26.32
C GLN A 39 -44.08 -0.61 -25.14
N ASN A 40 -44.60 -0.46 -23.92
CA ASN A 40 -43.84 -0.68 -22.68
C ASN A 40 -42.54 0.13 -22.65
N ARG A 41 -42.48 1.19 -23.44
CA ARG A 41 -41.27 2.01 -23.58
C ARG A 41 -41.50 3.46 -23.18
N TYR A 42 -42.55 4.09 -23.70
CA TYR A 42 -42.79 5.51 -23.50
C TYR A 42 -43.90 5.69 -22.45
N HIS A 43 -43.54 6.25 -21.30
CA HIS A 43 -44.45 6.35 -20.16
C HIS A 43 -44.73 7.80 -19.82
N PHE A 44 -46.00 8.10 -19.53
CA PHE A 44 -46.44 9.43 -19.13
C PHE A 44 -47.30 9.33 -17.88
N CYS A 45 -47.01 10.18 -16.89
CA CYS A 45 -47.90 10.27 -15.74
C CYS A 45 -49.19 10.99 -16.14
N GLU A 46 -50.23 10.82 -15.30
CA GLU A 46 -51.55 11.31 -15.64
C GLU A 46 -51.53 12.81 -15.91
N LYS A 47 -50.85 13.58 -15.05
CA LYS A 47 -50.80 15.03 -15.23
C LYS A 47 -50.06 15.40 -16.51
N CYS A 48 -48.86 14.85 -16.71
CA CYS A 48 -48.09 15.18 -17.90
C CYS A 48 -48.70 14.63 -19.17
N PHE A 49 -49.67 13.73 -19.07
CA PHE A 49 -50.33 13.16 -20.24
C PHE A 49 -51.55 13.98 -20.64
N ASN A 50 -52.43 14.29 -19.69
CA ASN A 50 -53.58 15.12 -19.99
C ASN A 50 -53.19 16.57 -20.25
N GLU A 51 -51.99 16.97 -19.86
CA GLU A 51 -51.50 18.32 -20.16
C GLU A 51 -50.91 18.43 -21.54
N ILE A 52 -50.99 17.37 -22.34
CA ILE A 52 -50.62 17.43 -23.75
C ILE A 52 -51.83 17.91 -24.54
N GLN A 53 -51.68 19.01 -25.26
CA GLN A 53 -52.73 19.57 -26.10
C GLN A 53 -52.63 18.93 -27.48
N GLY A 54 -53.71 18.29 -27.91
CA GLY A 54 -53.72 17.60 -29.19
C GLY A 54 -53.49 16.12 -28.99
N GLU A 55 -54.22 15.29 -29.71
CA GLU A 55 -54.10 13.85 -29.52
C GLU A 55 -52.87 13.30 -30.21
N SER A 56 -52.07 14.16 -30.83
CA SER A 56 -50.83 13.73 -31.43
C SER A 56 -49.78 13.82 -30.34
N VAL A 57 -49.00 12.76 -30.19
CA VAL A 57 -47.93 12.70 -29.22
C VAL A 57 -46.67 12.39 -30.00
N SER A 58 -45.73 13.33 -29.99
CA SER A 58 -44.50 13.15 -30.73
C SER A 58 -43.58 12.24 -29.93
N LEU A 59 -43.25 11.10 -30.50
CA LEU A 59 -42.41 10.10 -29.86
C LEU A 59 -41.17 9.89 -30.70
N GLY A 60 -40.11 9.40 -30.06
CA GLY A 60 -38.86 9.17 -30.75
C GLY A 60 -37.85 10.27 -30.46
N GLN A 67 -38.71 11.63 -35.49
CA GLN A 67 -39.68 11.51 -34.41
C GLN A 67 -41.07 11.16 -34.97
N THR A 68 -41.68 10.12 -34.40
CA THR A 68 -42.95 9.61 -34.89
C THR A 68 -44.09 10.15 -34.04
N THR A 69 -45.15 10.59 -34.70
CA THR A 69 -46.34 11.07 -34.00
C THR A 69 -47.30 9.89 -33.79
N ILE A 70 -47.81 9.78 -32.57
CA ILE A 70 -48.61 8.64 -32.14
C ILE A 70 -49.89 9.15 -31.49
N ASN A 71 -51.02 8.55 -31.87
CA ASN A 71 -52.31 8.93 -31.31
C ASN A 71 -52.42 8.54 -29.84
N LYS A 72 -53.21 9.34 -29.09
CA LYS A 72 -53.32 9.14 -27.65
C LYS A 72 -54.10 7.88 -27.29
N GLU A 73 -55.05 7.45 -28.11
CA GLU A 73 -55.80 6.24 -27.78
C GLU A 73 -54.97 4.98 -27.99
N GLN A 74 -53.79 5.07 -28.62
CA GLN A 74 -52.90 3.93 -28.75
C GLN A 74 -52.14 3.66 -27.46
N PHE A 75 -52.28 4.53 -26.47
CA PHE A 75 -51.68 4.36 -25.16
C PHE A 75 -52.58 3.56 -24.24
N SER A 76 -51.96 2.85 -23.30
CA SER A 76 -52.67 2.10 -22.27
C SER A 76 -52.70 2.89 -20.98
N LYS A 77 -53.87 2.91 -20.34
CA LYS A 77 -54.02 3.51 -19.02
C LYS A 77 -53.83 2.44 -17.96
N ARG A 78 -52.82 2.60 -17.10
CA ARG A 78 -52.53 1.61 -16.08
C ARG A 78 -51.98 2.29 -14.83
N LYS A 79 -51.91 1.53 -13.74
CA LYS A 79 -51.35 1.98 -12.48
C LYS A 79 -50.12 1.14 -12.15
N ASN A 80 -49.11 1.80 -11.58
CA ASN A 80 -47.79 1.17 -11.35
C ASN A 80 -47.82 0.31 -10.09
N ASP A 81 -48.59 -0.79 -10.17
CA ASP A 81 -48.79 -1.65 -9.01
C ASP A 81 -48.51 -3.13 -9.30
N THR A 82 -47.72 -3.42 -10.33
CA THR A 82 -47.38 -4.81 -10.64
C THR A 82 -46.32 -5.31 -9.67
N LEU A 83 -46.59 -6.45 -9.03
CA LEU A 83 -45.66 -7.08 -8.10
C LEU A 83 -45.23 -8.43 -8.66
N ASP A 84 -43.97 -8.55 -9.02
CA ASP A 84 -43.42 -9.83 -9.48
C ASP A 84 -43.10 -10.70 -8.28
N PRO A 85 -43.62 -11.93 -8.20
CA PRO A 85 -43.23 -12.82 -7.11
C PRO A 85 -41.75 -13.13 -7.17
N GLU A 86 -41.16 -13.35 -5.99
CA GLU A 86 -39.79 -13.82 -5.93
C GLU A 86 -39.71 -15.24 -6.48
N LEU A 87 -38.53 -15.58 -6.99
CA LEU A 87 -38.33 -16.90 -7.59
C LEU A 87 -37.93 -17.91 -6.53
N PHE A 88 -38.29 -19.16 -6.76
CA PHE A 88 -37.90 -20.28 -5.92
C PHE A 88 -36.90 -21.15 -6.65
N VAL A 89 -36.06 -21.84 -5.87
CA VAL A 89 -35.24 -22.93 -6.38
C VAL A 89 -35.61 -24.19 -5.60
N GLU A 90 -35.33 -25.32 -6.22
CA GLU A 90 -35.68 -26.63 -5.67
C GLU A 90 -34.41 -27.39 -5.37
N CYS A 91 -34.31 -27.93 -4.16
CA CYS A 91 -33.18 -28.77 -3.82
C CYS A 91 -33.21 -30.05 -4.65
N THR A 92 -32.11 -30.36 -5.33
CA THR A 92 -32.07 -31.52 -6.20
C THR A 92 -32.12 -32.84 -5.44
N GLU A 93 -32.13 -32.82 -4.10
CA GLU A 93 -32.18 -34.04 -3.32
C GLU A 93 -33.49 -34.21 -2.55
N CYS A 94 -33.87 -33.24 -1.70
CA CYS A 94 -35.13 -33.38 -0.99
C CYS A 94 -36.32 -32.87 -1.77
N GLY A 95 -36.12 -31.96 -2.72
CA GLY A 95 -37.22 -31.30 -3.39
C GLY A 95 -37.74 -30.09 -2.67
N ARG A 96 -37.09 -29.66 -1.59
CA ARG A 96 -37.51 -28.47 -0.87
C ARG A 96 -37.41 -27.24 -1.75
N LYS A 97 -38.45 -26.41 -1.70
CA LYS A 97 -38.50 -25.17 -2.45
C LYS A 97 -38.14 -24.03 -1.52
N MET A 98 -37.16 -23.22 -1.93
CA MET A 98 -36.72 -22.07 -1.16
C MET A 98 -36.63 -20.86 -2.07
N HIS A 99 -36.86 -19.67 -1.49
CA HIS A 99 -36.56 -18.44 -2.20
C HIS A 99 -35.11 -18.47 -2.65
N GLN A 100 -34.89 -18.16 -3.93
CA GLN A 100 -33.52 -18.13 -4.44
C GLN A 100 -32.67 -17.12 -3.68
N ILE A 101 -33.26 -15.98 -3.31
CA ILE A 101 -32.53 -14.95 -2.60
C ILE A 101 -32.17 -15.41 -1.19
N CYS A 102 -33.07 -16.18 -0.55
CA CYS A 102 -32.83 -16.62 0.83
C CYS A 102 -31.62 -17.54 0.93
N VAL A 103 -31.45 -18.45 -0.02
CA VAL A 103 -30.35 -19.40 0.02
C VAL A 103 -29.18 -18.98 -0.85
N LEU A 104 -29.31 -17.87 -1.58
CA LEU A 104 -28.23 -17.32 -2.41
C LEU A 104 -27.62 -18.38 -3.33
N HIS A 105 -28.47 -18.97 -4.16
CA HIS A 105 -28.03 -19.93 -5.17
C HIS A 105 -27.95 -19.25 -6.52
N HIS A 106 -26.75 -19.24 -7.11
CA HIS A 106 -26.52 -18.69 -8.43
C HIS A 106 -26.06 -19.81 -9.35
N GLU A 107 -26.71 -19.94 -10.51
CA GLU A 107 -26.47 -21.08 -11.39
C GLU A 107 -25.08 -21.04 -12.00
N ILE A 108 -24.50 -19.86 -12.17
CA ILE A 108 -23.13 -19.78 -12.69
C ILE A 108 -22.14 -20.25 -11.62
N ILE A 109 -22.36 -19.88 -10.37
CA ILE A 109 -21.42 -20.24 -9.30
C ILE A 109 -21.51 -21.73 -8.99
N TRP A 110 -22.71 -22.29 -8.95
CA TRP A 110 -22.92 -23.71 -8.64
C TRP A 110 -23.74 -24.34 -9.75
N PRO A 111 -23.10 -24.60 -10.90
CA PRO A 111 -23.84 -25.12 -12.06
C PRO A 111 -24.39 -26.53 -11.85
N ALA A 112 -23.82 -27.31 -10.92
CA ALA A 112 -24.28 -28.68 -10.72
C ALA A 112 -25.73 -28.73 -10.27
N GLY A 113 -26.20 -27.67 -9.61
CA GLY A 113 -27.55 -27.61 -9.11
C GLY A 113 -27.59 -27.19 -7.66
N PHE A 114 -28.79 -26.84 -7.21
CA PHE A 114 -28.96 -26.37 -5.84
C PHE A 114 -29.11 -27.55 -4.90
N VAL A 115 -28.27 -27.59 -3.88
CA VAL A 115 -28.38 -28.56 -2.79
C VAL A 115 -28.53 -27.78 -1.50
N CYS A 116 -29.61 -28.03 -0.77
CA CYS A 116 -29.92 -27.25 0.41
C CYS A 116 -28.94 -27.58 1.54
N ASP A 117 -28.93 -26.70 2.55
CA ASP A 117 -28.03 -26.88 3.69
C ASP A 117 -28.35 -28.15 4.45
N GLY A 118 -29.62 -28.53 4.54
CA GLY A 118 -29.99 -29.73 5.26
C GLY A 118 -29.37 -30.98 4.66
N CYS A 119 -29.49 -31.14 3.34
CA CYS A 119 -28.90 -32.30 2.68
C CYS A 119 -27.39 -32.26 2.76
N LEU A 120 -26.79 -31.07 2.81
CA LEU A 120 -25.34 -30.97 2.88
C LEU A 120 -24.82 -31.41 4.25
N LYS A 121 -25.48 -30.97 5.32
CA LYS A 121 -25.07 -31.38 6.66
C LYS A 121 -25.25 -32.88 6.89
N LYS A 122 -26.29 -33.46 6.29
CA LYS A 122 -26.52 -34.90 6.43
C LYS A 122 -25.40 -35.71 5.79
N SER A 123 -24.82 -35.22 4.70
CA SER A 123 -23.77 -35.92 3.99
C SER A 123 -22.38 -35.44 4.35
N ALA A 124 -22.26 -34.62 5.40
CA ALA A 124 -20.99 -34.05 5.83
C ALA A 124 -20.31 -33.32 4.68
N ARG A 125 -21.10 -32.50 3.99
CA ARG A 125 -20.66 -31.81 2.79
C ARG A 125 -20.85 -30.30 2.94
N THR A 126 -20.08 -29.57 2.15
CA THR A 126 -20.16 -28.12 2.10
C THR A 126 -20.15 -27.67 0.64
N ARG A 127 -20.72 -26.49 0.39
CA ARG A 127 -20.74 -25.94 -0.96
C ARG A 127 -19.32 -25.70 -1.45
N LYS A 128 -19.05 -26.02 -2.71
CA LYS A 128 -17.75 -25.71 -3.28
C LYS A 128 -17.55 -24.19 -3.34
N GLU A 129 -16.30 -23.77 -3.26
CA GLU A 129 -15.95 -22.37 -3.04
C GLU A 129 -16.52 -21.46 -4.13
N ASN A 130 -17.05 -20.32 -3.70
CA ASN A 130 -17.48 -19.26 -4.61
C ASN A 130 -16.24 -18.51 -5.08
N LYS A 131 -15.84 -18.74 -6.32
CA LYS A 131 -14.68 -18.08 -6.90
C LYS A 131 -15.04 -16.77 -7.57
N PHE A 132 -16.30 -16.36 -7.54
CA PHE A 132 -16.78 -15.09 -8.07
C PHE A 132 -16.98 -14.06 -6.95
N SER A 133 -16.04 -14.01 -6.01
CA SER A 133 -16.17 -13.17 -4.82
C SER A 133 -15.57 -11.78 -5.07
N ALA A 134 -15.88 -10.87 -4.14
CA ALA A 134 -15.29 -9.53 -4.19
C ALA A 134 -13.77 -9.61 -4.03
N LYS A 135 -13.30 -10.49 -3.14
CA LYS A 135 -11.88 -10.61 -2.87
C LYS A 135 -11.10 -10.96 -4.13
N ARG A 136 -11.67 -11.80 -4.99
CA ARG A 136 -10.97 -12.29 -6.17
C ARG A 136 -11.11 -11.37 -7.38
N LEU A 137 -11.83 -10.26 -7.25
CA LEU A 137 -11.78 -9.25 -8.29
C LEU A 137 -10.36 -8.73 -8.42
N PRO A 138 -9.89 -8.43 -9.62
CA PRO A 138 -8.49 -8.03 -9.79
C PRO A 138 -8.15 -6.81 -8.95
N SER A 139 -6.98 -6.84 -8.34
CA SER A 139 -6.55 -5.80 -7.42
C SER A 139 -5.90 -4.63 -8.17
N THR A 140 -5.88 -3.49 -7.48
CA THR A 140 -5.22 -2.29 -7.98
C THR A 140 -4.46 -1.65 -6.82
N ARG A 141 -3.50 -0.80 -7.16
CA ARG A 141 -2.80 -0.05 -6.12
C ARG A 141 -3.77 0.85 -5.36
N LEU A 142 -4.70 1.47 -6.08
CA LEU A 142 -5.69 2.34 -5.42
C LEU A 142 -6.61 1.54 -4.50
N GLY A 143 -7.14 0.42 -4.99
CA GLY A 143 -8.01 -0.39 -4.16
C GLY A 143 -7.30 -0.95 -2.94
N THR A 144 -6.06 -1.40 -3.11
CA THR A 144 -5.28 -1.89 -1.99
C THR A 144 -5.08 -0.81 -0.93
N PHE A 145 -4.70 0.39 -1.37
CA PHE A 145 -4.51 1.51 -0.46
C PHE A 145 -5.78 1.81 0.32
N LEU A 146 -6.93 1.76 -0.34
CA LEU A 146 -8.19 2.14 0.31
C LEU A 146 -8.62 1.09 1.33
N GLU A 147 -8.55 -0.20 0.98
CA GLU A 147 -9.01 -1.23 1.89
C GLU A 147 -8.07 -1.39 3.07
N ASN A 148 -6.76 -1.19 2.86
CA ASN A 148 -5.84 -1.22 3.99
C ASN A 148 -6.18 -0.14 5.00
N ARG A 149 -6.53 1.06 4.51
CA ARG A 149 -6.90 2.13 5.42
C ARG A 149 -8.16 1.80 6.20
N VAL A 150 -9.17 1.25 5.52
CA VAL A 150 -10.45 0.96 6.17
C VAL A 150 -10.31 -0.16 7.19
N ASN A 151 -9.64 -1.25 6.81
CA ASN A 151 -9.52 -2.39 7.73
C ASN A 151 -8.64 -2.03 8.92
N ASP A 152 -7.56 -1.28 8.71
CA ASP A 152 -6.75 -0.82 9.83
C ASP A 152 -7.57 0.05 10.77
N PHE A 153 -8.39 0.93 10.22
CA PHE A 153 -9.31 1.71 11.05
C PHE A 153 -10.27 0.80 11.81
N LEU A 154 -10.81 -0.21 11.12
CA LEU A 154 -11.84 -1.05 11.73
C LEU A 154 -11.31 -1.88 12.90
N ARG A 155 -10.10 -2.43 12.78
CA ARG A 155 -9.55 -3.22 13.87
C ARG A 155 -9.09 -2.36 15.04
N ARG A 156 -8.75 -1.09 14.78
CA ARG A 156 -8.45 -0.15 15.86
C ARG A 156 -9.68 0.11 16.72
N GLN A 157 -10.88 0.03 16.13
CA GLN A 157 -12.12 0.29 16.85
C GLN A 157 -12.51 -0.87 17.77
N ASN A 158 -12.10 -2.09 17.45
CA ASN A 158 -12.36 -3.27 18.28
C ASN A 158 -13.85 -3.48 18.52
N HIS A 159 -14.65 -3.33 17.47
CA HIS A 159 -16.07 -3.65 17.56
C HIS A 159 -16.29 -5.11 17.17
N PRO A 160 -17.00 -5.89 17.98
CA PRO A 160 -17.14 -7.34 17.68
C PRO A 160 -17.89 -7.64 16.38
N GLU A 161 -18.66 -6.71 15.85
CA GLU A 161 -19.53 -6.98 14.70
C GLU A 161 -18.90 -6.68 13.34
N SER A 162 -17.77 -5.98 13.30
CA SER A 162 -17.24 -5.54 12.01
C SER A 162 -16.60 -6.70 11.25
N GLY A 163 -16.80 -6.71 9.94
CA GLY A 163 -16.22 -7.70 9.05
C GLY A 163 -15.17 -7.12 8.12
N GLU A 164 -14.53 -8.00 7.37
CA GLU A 164 -13.48 -7.57 6.44
C GLU A 164 -14.07 -6.78 5.28
N VAL A 165 -13.40 -5.68 4.95
CA VAL A 165 -13.81 -4.79 3.87
C VAL A 165 -12.83 -4.94 2.72
N THR A 166 -13.35 -5.17 1.51
CA THR A 166 -12.54 -5.16 0.30
C THR A 166 -13.01 -4.02 -0.60
N VAL A 167 -12.06 -3.31 -1.18
CA VAL A 167 -12.33 -2.20 -2.09
C VAL A 167 -11.71 -2.54 -3.44
N ARG A 168 -12.49 -2.38 -4.50
CA ARG A 168 -12.06 -2.76 -5.84
C ARG A 168 -12.37 -1.65 -6.84
N VAL A 169 -11.37 -1.29 -7.64
CA VAL A 169 -11.60 -0.46 -8.82
C VAL A 169 -12.06 -1.38 -9.95
N VAL A 170 -13.27 -1.14 -10.46
CA VAL A 170 -13.88 -2.02 -11.44
C VAL A 170 -13.98 -1.39 -12.81
N HIS A 171 -13.52 -0.15 -12.97
CA HIS A 171 -13.49 0.48 -14.28
C HIS A 171 -12.47 1.61 -14.27
N ALA A 172 -11.72 1.71 -15.37
CA ALA A 172 -10.81 2.83 -15.59
C ALA A 172 -10.66 3.00 -17.10
N SER A 173 -11.02 4.17 -17.62
CA SER A 173 -10.95 4.42 -19.05
C SER A 173 -10.71 5.91 -19.29
N ASP A 174 -10.18 6.21 -20.48
CA ASP A 174 -9.90 7.58 -20.87
C ASP A 174 -11.14 8.22 -21.51
N LYS A 175 -11.39 9.47 -21.16
CA LYS A 175 -12.51 10.22 -21.71
C LYS A 175 -12.12 11.67 -21.88
N THR A 176 -13.01 12.44 -22.50
CA THR A 176 -12.92 13.88 -22.58
C THR A 176 -14.27 14.49 -22.26
N VAL A 177 -14.24 15.65 -21.61
CA VAL A 177 -15.43 16.49 -21.42
C VAL A 177 -15.37 17.63 -22.43
N GLU A 178 -16.46 17.82 -23.16
CA GLU A 178 -16.52 18.79 -24.25
C GLU A 178 -17.25 20.04 -23.79
N VAL A 179 -16.64 21.20 -24.07
CA VAL A 179 -17.26 22.47 -23.72
C VAL A 179 -18.57 22.62 -24.50
N LYS A 180 -19.65 22.96 -23.79
CA LYS A 180 -20.98 23.04 -24.36
C LYS A 180 -21.10 24.24 -25.30
N PRO A 181 -22.14 24.25 -26.17
CA PRO A 181 -22.16 25.26 -27.26
C PRO A 181 -22.06 26.70 -26.81
N GLY A 182 -22.72 27.09 -25.72
CA GLY A 182 -22.67 28.48 -25.30
C GLY A 182 -21.27 28.90 -24.88
N MET A 183 -20.64 28.12 -24.00
CA MET A 183 -19.27 28.44 -23.59
C MET A 183 -18.29 28.24 -24.75
N LYS A 184 -18.58 27.32 -25.66
CA LYS A 184 -17.69 27.12 -26.81
C LYS A 184 -17.66 28.37 -27.69
N ALA A 185 -18.83 28.91 -28.01
CA ALA A 185 -18.89 30.10 -28.85
C ALA A 185 -18.25 31.31 -28.17
N ARG A 186 -18.39 31.41 -26.84
CA ARG A 186 -17.82 32.56 -26.13
C ARG A 186 -16.30 32.48 -26.03
N PHE A 187 -15.77 31.34 -25.61
CA PHE A 187 -14.36 31.25 -25.25
C PHE A 187 -13.53 30.33 -26.14
N VAL A 188 -14.13 29.27 -26.69
CA VAL A 188 -13.34 28.31 -27.45
C VAL A 188 -13.08 28.81 -28.86
N ASP A 189 -14.12 29.36 -29.51
CA ASP A 189 -13.97 29.81 -30.90
C ASP A 189 -13.05 31.01 -31.03
N SER A 190 -12.84 31.76 -29.94
CA SER A 190 -11.85 32.84 -29.93
C SER A 190 -10.49 32.37 -29.46
N GLY A 191 -10.33 31.08 -29.19
CA GLY A 191 -9.04 30.53 -28.82
C GLY A 191 -8.63 30.78 -27.39
N GLU A 192 -9.55 31.19 -26.52
CA GLU A 192 -9.24 31.51 -25.14
C GLU A 192 -9.31 30.32 -24.20
N MET A 193 -9.79 29.17 -24.66
CA MET A 193 -10.05 28.05 -23.79
C MET A 193 -10.08 26.78 -24.64
N ALA A 194 -9.55 25.69 -24.08
CA ALA A 194 -9.50 24.43 -24.82
C ALA A 194 -10.90 23.92 -25.10
N GLU A 195 -11.06 23.28 -26.26
CA GLU A 195 -12.38 22.79 -26.66
C GLU A 195 -12.83 21.60 -25.80
N SER A 196 -11.89 20.86 -25.23
CA SER A 196 -12.22 19.70 -24.41
C SER A 196 -11.08 19.41 -23.46
N PHE A 197 -11.37 18.61 -22.44
CA PHE A 197 -10.41 18.31 -21.39
C PHE A 197 -10.31 16.79 -21.22
N PRO A 198 -9.13 16.21 -21.38
CA PRO A 198 -9.02 14.75 -21.21
C PRO A 198 -8.97 14.36 -19.75
N TYR A 199 -9.62 13.23 -19.43
CA TYR A 199 -9.60 12.75 -18.06
C TYR A 199 -9.76 11.25 -18.05
N ARG A 200 -9.43 10.66 -16.91
CA ARG A 200 -9.65 9.25 -16.63
C ARG A 200 -10.81 9.14 -15.65
N THR A 201 -11.79 8.32 -15.98
CA THR A 201 -12.87 8.01 -15.05
C THR A 201 -12.56 6.68 -14.36
N LYS A 202 -12.90 6.61 -13.08
CA LYS A 202 -12.72 5.40 -12.29
C LYS A 202 -13.98 5.12 -11.49
N ALA A 203 -14.37 3.85 -11.46
CA ALA A 203 -15.49 3.38 -10.64
C ALA A 203 -14.95 2.39 -9.63
N LEU A 204 -15.33 2.56 -8.37
CA LEU A 204 -14.88 1.65 -7.32
C LEU A 204 -16.01 1.40 -6.34
N PHE A 205 -16.00 0.22 -5.73
CA PHE A 205 -17.00 -0.21 -4.78
C PHE A 205 -16.34 -0.80 -3.55
N ALA A 206 -17.04 -0.71 -2.42
CA ALA A 206 -16.60 -1.32 -1.17
C ALA A 206 -17.58 -2.41 -0.76
N PHE A 207 -17.05 -3.55 -0.35
CA PHE A 207 -17.84 -4.70 0.08
C PHE A 207 -17.46 -5.08 1.50
N GLU A 208 -18.42 -5.61 2.26
CA GLU A 208 -18.15 -6.10 3.60
C GLU A 208 -18.61 -7.55 3.72
N GLU A 209 -17.75 -8.39 4.30
CA GLU A 209 -18.09 -9.77 4.57
C GLU A 209 -18.98 -9.83 5.80
N ILE A 210 -20.23 -10.26 5.60
CA ILE A 210 -21.22 -10.35 6.67
C ILE A 210 -21.66 -11.81 6.73
N ASP A 211 -21.10 -12.56 7.68
CA ASP A 211 -21.38 -13.99 7.86
C ASP A 211 -21.04 -14.77 6.60
N GLY A 212 -19.81 -14.60 6.11
CA GLY A 212 -19.33 -15.34 4.96
C GLY A 212 -19.98 -14.93 3.66
N VAL A 213 -20.65 -13.79 3.60
CA VAL A 213 -21.37 -13.34 2.42
C VAL A 213 -21.00 -11.89 2.15
N ASP A 214 -20.66 -11.59 0.90
CA ASP A 214 -20.30 -10.24 0.51
C ASP A 214 -21.54 -9.35 0.47
N LEU A 215 -21.38 -8.09 0.88
CA LEU A 215 -22.41 -7.08 0.74
C LEU A 215 -21.77 -5.81 0.19
N CYS A 216 -22.23 -5.37 -0.98
CA CYS A 216 -21.78 -4.11 -1.55
C CYS A 216 -22.53 -2.97 -0.86
N PHE A 217 -21.80 -2.11 -0.15
CA PHE A 217 -22.43 -1.06 0.63
C PHE A 217 -22.01 0.34 0.21
N PHE A 218 -21.09 0.49 -0.74
CA PHE A 218 -20.61 1.81 -1.12
C PHE A 218 -20.13 1.79 -2.56
N GLY A 219 -20.43 2.86 -3.29
CA GLY A 219 -19.98 2.99 -4.66
C GLY A 219 -19.60 4.43 -4.96
N MET A 220 -18.67 4.60 -5.91
CA MET A 220 -18.13 5.91 -6.22
C MET A 220 -17.56 5.92 -7.62
N HIS A 221 -17.84 6.99 -8.36
CA HIS A 221 -17.19 7.28 -9.63
C HIS A 221 -16.50 8.63 -9.54
N VAL A 222 -15.31 8.74 -10.12
CA VAL A 222 -14.51 9.95 -10.03
C VAL A 222 -13.96 10.31 -11.42
N GLN A 223 -13.64 11.58 -11.58
CA GLN A 223 -12.98 12.10 -12.78
C GLN A 223 -11.61 12.62 -12.38
N GLU A 224 -10.57 12.19 -13.10
CA GLU A 224 -9.19 12.51 -12.74
C GLU A 224 -8.51 13.16 -13.94
N TYR A 225 -8.16 14.44 -13.79
CA TYR A 225 -7.53 15.22 -14.85
C TYR A 225 -6.04 15.33 -14.53
N GLY A 226 -5.21 14.69 -15.35
CA GLY A 226 -3.80 14.56 -15.06
C GLY A 226 -3.01 15.81 -15.40
N SER A 227 -1.68 15.67 -15.32
CA SER A 227 -0.79 16.78 -15.62
C SER A 227 -0.70 17.07 -17.11
N ASP A 228 -1.30 16.21 -17.95
CA ASP A 228 -1.43 16.46 -19.38
C ASP A 228 -2.65 17.30 -19.72
N CYS A 229 -3.53 17.54 -18.78
CA CYS A 229 -4.71 18.33 -19.04
C CYS A 229 -4.35 19.82 -19.11
N PRO A 230 -4.90 20.56 -20.08
CA PRO A 230 -4.70 22.01 -20.07
C PRO A 230 -5.41 22.64 -18.90
N PRO A 231 -4.96 23.79 -18.41
CA PRO A 231 -5.73 24.53 -17.43
C PRO A 231 -7.08 24.91 -18.03
N PRO A 232 -8.11 25.11 -17.18
CA PRO A 232 -8.08 25.16 -15.72
C PRO A 232 -8.30 23.82 -15.00
N ASN A 233 -8.25 22.70 -15.72
CA ASN A 233 -8.60 21.40 -15.15
C ASN A 233 -7.41 20.58 -14.65
N GLN A 234 -6.18 21.02 -14.87
CA GLN A 234 -5.04 20.12 -14.70
C GLN A 234 -4.76 19.82 -13.22
N ARG A 235 -4.36 18.58 -12.96
CA ARG A 235 -4.03 18.09 -11.62
C ARG A 235 -5.21 18.23 -10.66
N ARG A 236 -6.41 17.90 -11.13
CA ARG A 236 -7.62 18.00 -10.34
C ARG A 236 -8.41 16.70 -10.42
N VAL A 237 -9.06 16.34 -9.31
CA VAL A 237 -10.00 15.23 -9.27
C VAL A 237 -11.37 15.76 -8.88
N TYR A 238 -12.40 15.14 -9.44
CA TYR A 238 -13.78 15.53 -9.20
C TYR A 238 -14.60 14.27 -8.96
N ILE A 239 -15.40 14.26 -7.90
CA ILE A 239 -16.28 13.13 -7.63
C ILE A 239 -17.54 13.28 -8.47
N SER A 240 -17.78 12.30 -9.35
CA SER A 240 -18.99 12.32 -10.16
C SER A 240 -20.23 12.02 -9.34
N TYR A 241 -20.24 10.88 -8.64
CA TYR A 241 -21.34 10.57 -7.73
C TYR A 241 -20.90 9.58 -6.67
N LEU A 242 -21.61 9.62 -5.54
CA LEU A 242 -21.43 8.71 -4.41
C LEU A 242 -22.77 8.06 -4.09
N ASP A 243 -22.72 6.83 -3.58
CA ASP A 243 -23.94 6.15 -3.17
C ASP A 243 -23.60 5.08 -2.15
N SER A 244 -24.62 4.63 -1.43
CA SER A 244 -24.43 3.67 -0.35
C SER A 244 -25.70 2.87 -0.12
N VAL A 245 -25.54 1.68 0.43
CA VAL A 245 -26.62 0.86 0.98
C VAL A 245 -26.32 0.69 2.45
N HIS A 246 -27.28 1.07 3.31
CA HIS A 246 -26.98 1.45 4.69
C HIS A 246 -26.92 0.25 5.65
N PHE A 247 -26.53 -0.92 5.16
CA PHE A 247 -26.55 -2.13 5.98
C PHE A 247 -25.18 -2.51 6.52
N PHE A 248 -24.20 -1.59 6.50
CA PHE A 248 -22.88 -1.89 7.05
C PHE A 248 -22.99 -2.29 8.52
N ARG A 249 -22.30 -3.37 8.88
CA ARG A 249 -22.29 -3.91 10.23
C ARG A 249 -20.96 -3.58 10.89
N PRO A 250 -20.93 -2.86 12.03
CA PRO A 250 -22.03 -2.31 12.82
C PRO A 250 -22.47 -0.93 12.35
N LYS A 251 -23.69 -0.53 12.75
CA LYS A 251 -24.24 0.74 12.30
C LYS A 251 -23.42 1.92 12.83
N CYS A 252 -22.88 1.81 14.04
CA CYS A 252 -22.14 2.92 14.64
C CYS A 252 -20.84 3.23 13.93
N LEU A 253 -20.36 2.38 13.03
CA LEU A 253 -19.15 2.64 12.27
C LEU A 253 -19.41 2.95 10.81
N ARG A 254 -20.67 3.02 10.38
CA ARG A 254 -20.98 3.23 8.97
C ARG A 254 -20.45 4.57 8.46
N THR A 255 -20.79 5.65 9.16
CA THR A 255 -20.35 6.98 8.71
C THR A 255 -18.83 7.09 8.72
N ALA A 256 -18.20 6.59 9.78
CA ALA A 256 -16.75 6.65 9.85
C ALA A 256 -16.09 5.92 8.69
N VAL A 257 -16.65 4.76 8.30
CA VAL A 257 -16.06 4.01 7.19
C VAL A 257 -16.20 4.77 5.87
N TYR A 258 -17.36 5.37 5.62
CA TYR A 258 -17.50 6.22 4.43
C TYR A 258 -16.44 7.31 4.42
N HIS A 259 -16.28 7.98 5.56
CA HIS A 259 -15.28 9.04 5.67
C HIS A 259 -13.87 8.49 5.44
N GLU A 260 -13.59 7.30 5.97
CA GLU A 260 -12.27 6.71 5.78
C GLU A 260 -11.97 6.45 4.31
N ILE A 261 -12.96 5.98 3.56
CA ILE A 261 -12.77 5.73 2.13
C ILE A 261 -12.48 7.05 1.40
N LEU A 262 -13.26 8.09 1.71
CA LEU A 262 -13.09 9.37 1.02
C LEU A 262 -11.76 10.02 1.39
N ILE A 263 -11.41 10.00 2.68
CA ILE A 263 -10.12 10.56 3.10
C ILE A 263 -8.97 9.79 2.45
N GLY A 264 -9.08 8.45 2.42
CA GLY A 264 -8.06 7.65 1.77
C GLY A 264 -7.92 7.99 0.29
N TYR A 265 -9.04 8.26 -0.38
CA TYR A 265 -8.97 8.62 -1.79
C TYR A 265 -8.22 9.95 -1.99
N LEU A 266 -8.52 10.95 -1.15
CA LEU A 266 -7.79 12.21 -1.24
C LEU A 266 -6.31 12.02 -0.91
N GLU A 267 -6.01 11.18 0.08
CA GLU A 267 -4.62 10.89 0.41
C GLU A 267 -3.91 10.22 -0.75
N TYR A 268 -4.60 9.31 -1.45
CA TYR A 268 -3.96 8.59 -2.55
C TYR A 268 -3.65 9.52 -3.73
N VAL A 269 -4.65 10.29 -4.18
CA VAL A 269 -4.41 11.13 -5.35
C VAL A 269 -3.46 12.26 -5.01
N LYS A 270 -3.42 12.68 -3.74
CA LYS A 270 -2.40 13.62 -3.32
C LYS A 270 -1.00 13.03 -3.51
N LYS A 271 -0.83 11.75 -3.16
CA LYS A 271 0.47 11.11 -3.30
C LYS A 271 0.91 11.04 -4.76
N LEU A 272 -0.03 10.79 -5.68
CA LEU A 272 0.30 10.76 -7.10
C LEU A 272 0.63 12.13 -7.67
N GLY A 273 0.19 13.21 -7.02
CA GLY A 273 0.52 14.53 -7.51
C GLY A 273 -0.65 15.39 -7.92
N TYR A 274 -1.87 14.93 -7.65
CA TYR A 274 -3.04 15.77 -7.87
C TYR A 274 -3.10 16.84 -6.77
N THR A 275 -3.32 18.08 -7.17
CA THR A 275 -3.22 19.21 -6.24
C THR A 275 -4.54 19.57 -5.58
N THR A 276 -5.67 19.26 -6.22
CA THR A 276 -6.95 19.78 -5.78
C THR A 276 -8.04 18.73 -5.97
N GLY A 277 -8.97 18.69 -5.02
CA GLY A 277 -10.15 17.85 -5.13
C GLY A 277 -11.39 18.73 -5.17
N HIS A 278 -12.44 18.22 -5.84
CA HIS A 278 -13.66 18.98 -6.03
C HIS A 278 -14.87 18.10 -5.73
N ILE A 279 -15.77 18.61 -4.90
CA ILE A 279 -17.00 17.90 -4.53
C ILE A 279 -18.17 18.84 -4.74
N TRP A 280 -19.19 18.35 -5.45
CA TRP A 280 -20.48 19.03 -5.57
C TRP A 280 -21.45 18.32 -4.63
N ALA A 281 -21.75 18.94 -3.49
CA ALA A 281 -22.68 18.35 -2.53
C ALA A 281 -24.09 18.46 -3.07
N CYS A 282 -24.55 17.42 -3.77
CA CYS A 282 -25.79 17.48 -4.55
C CYS A 282 -26.62 16.23 -4.28
N PRO A 283 -27.66 16.33 -3.45
CA PRO A 283 -28.53 15.18 -3.23
C PRO A 283 -29.24 14.78 -4.51
N PRO A 284 -29.44 13.48 -4.72
CA PRO A 284 -30.22 13.03 -5.88
C PRO A 284 -31.68 13.42 -5.72
N SER A 285 -32.37 13.41 -6.86
CA SER A 285 -33.82 13.63 -6.84
C SER A 285 -34.51 12.51 -6.07
N GLU A 286 -35.68 12.83 -5.52
CA GLU A 286 -36.44 11.86 -4.74
C GLU A 286 -36.71 10.61 -5.58
N GLY A 287 -36.54 9.46 -4.95
CA GLY A 287 -36.63 8.17 -5.63
C GLY A 287 -35.61 7.23 -5.04
N ASP A 288 -35.55 5.98 -5.52
CA ASP A 288 -34.65 4.99 -4.94
C ASP A 288 -33.55 4.49 -5.89
N ASP A 289 -33.34 5.12 -7.04
CA ASP A 289 -32.29 4.70 -7.98
C ASP A 289 -31.28 5.81 -8.20
N TYR A 290 -30.03 5.59 -7.77
CA TYR A 290 -28.96 6.52 -8.12
C TYR A 290 -27.78 5.79 -8.77
N ILE A 291 -27.09 5.01 -7.95
CA ILE A 291 -26.07 4.06 -8.39
C ILE A 291 -26.55 2.64 -8.13
N PHE A 292 -27.14 2.45 -6.95
CA PHE A 292 -27.75 1.21 -6.52
C PHE A 292 -29.24 1.30 -6.78
N HIS A 293 -29.80 0.25 -7.37
CA HIS A 293 -31.22 0.21 -7.67
C HIS A 293 -32.02 -0.12 -6.40
N CYS A 294 -33.09 0.64 -6.16
CA CYS A 294 -34.07 0.33 -5.12
C CYS A 294 -33.45 0.32 -3.72
N HIS A 295 -33.08 1.53 -3.27
CA HIS A 295 -32.59 1.71 -1.92
C HIS A 295 -33.62 1.26 -0.88
N PRO A 296 -33.16 0.93 0.34
CA PRO A 296 -34.11 0.55 1.41
C PRO A 296 -35.09 1.67 1.69
N PRO A 297 -36.36 1.34 1.93
CA PRO A 297 -37.36 2.40 2.14
C PRO A 297 -37.05 3.32 3.32
N ASP A 298 -36.33 2.85 4.33
CA ASP A 298 -36.01 3.73 5.46
C ASP A 298 -34.60 4.31 5.39
N GLN A 299 -33.91 4.14 4.26
CA GLN A 299 -32.70 4.90 3.98
C GLN A 299 -33.08 6.18 3.24
N LYS A 300 -32.82 7.32 3.86
CA LYS A 300 -33.28 8.61 3.36
C LYS A 300 -32.15 9.36 2.65
N ILE A 301 -32.52 10.11 1.61
CA ILE A 301 -31.60 11.05 0.98
C ILE A 301 -31.44 12.26 1.90
N PRO A 302 -30.22 12.62 2.29
CA PRO A 302 -30.05 13.78 3.17
C PRO A 302 -30.46 15.07 2.47
N LYS A 303 -31.01 15.98 3.26
CA LYS A 303 -31.29 17.33 2.77
C LYS A 303 -29.99 18.10 2.65
N PRO A 304 -29.95 19.14 1.80
CA PRO A 304 -28.66 19.79 1.47
C PRO A 304 -27.79 20.18 2.66
N LYS A 305 -28.36 20.81 3.68
CA LYS A 305 -27.55 21.29 4.80
C LYS A 305 -26.87 20.14 5.53
N ARG A 306 -27.60 19.04 5.74
CA ARG A 306 -27.02 17.90 6.47
C ARG A 306 -25.95 17.19 5.64
N LEU A 307 -26.13 17.12 4.32
CA LEU A 307 -25.08 16.56 3.47
C LEU A 307 -23.83 17.42 3.53
N GLN A 308 -23.99 18.75 3.52
CA GLN A 308 -22.84 19.65 3.59
C GLN A 308 -22.07 19.49 4.89
N GLU A 309 -22.78 19.39 6.01
CA GLU A 309 -22.12 19.15 7.29
C GLU A 309 -21.37 17.82 7.28
N TRP A 310 -21.96 16.81 6.63
CA TRP A 310 -21.32 15.51 6.50
C TRP A 310 -19.98 15.61 5.77
N PHE A 311 -19.94 16.39 4.68
CA PHE A 311 -18.68 16.59 3.97
C PHE A 311 -17.71 17.43 4.79
N LYS A 312 -18.20 18.43 5.52
CA LYS A 312 -17.33 19.23 6.38
C LYS A 312 -16.69 18.37 7.46
N LYS A 313 -17.46 17.49 8.09
CA LYS A 313 -16.90 16.59 9.09
C LYS A 313 -15.79 15.73 8.49
N MET A 314 -16.03 15.16 7.30
CA MET A 314 -15.02 14.34 6.66
C MET A 314 -13.76 15.15 6.36
N LEU A 315 -13.92 16.36 5.82
CA LEU A 315 -12.76 17.16 5.45
C LEU A 315 -12.02 17.68 6.67
N ASP A 316 -12.74 17.98 7.75
CA ASP A 316 -12.09 18.42 8.98
C ASP A 316 -11.17 17.34 9.53
N LYS A 317 -11.62 16.09 9.51
CA LYS A 317 -10.77 14.97 9.91
C LYS A 317 -9.57 14.85 8.98
N ALA A 318 -9.78 15.10 7.68
CA ALA A 318 -8.67 15.05 6.73
C ALA A 318 -7.67 16.18 6.95
N VAL A 319 -8.15 17.34 7.39
CA VAL A 319 -7.23 18.45 7.68
C VAL A 319 -6.38 18.11 8.91
N SER A 320 -7.01 17.63 9.98
CA SER A 320 -6.28 17.30 11.19
C SER A 320 -5.33 16.12 11.01
N GLU A 321 -5.57 15.28 10.00
CA GLU A 321 -4.65 14.21 9.64
C GLU A 321 -3.51 14.70 8.75
N ARG A 322 -3.48 15.98 8.41
CA ARG A 322 -2.45 16.60 7.57
C ARG A 322 -2.48 16.06 6.14
N ILE A 323 -3.64 15.57 5.70
CA ILE A 323 -3.81 15.14 4.32
C ILE A 323 -4.33 16.30 3.46
N VAL A 324 -5.41 16.94 3.89
CA VAL A 324 -5.94 18.13 3.24
C VAL A 324 -5.30 19.35 3.89
N HIS A 325 -4.71 20.23 3.07
CA HIS A 325 -4.14 21.46 3.61
C HIS A 325 -5.25 22.39 4.10
N ASP A 326 -6.26 22.62 3.26
CA ASP A 326 -7.44 23.40 3.64
C ASP A 326 -8.50 23.18 2.57
N TYR A 327 -9.68 23.74 2.82
CA TYR A 327 -10.77 23.67 1.85
C TYR A 327 -11.60 24.94 1.97
N LYS A 328 -12.23 25.33 0.86
CA LYS A 328 -13.04 26.52 0.80
C LYS A 328 -14.23 26.28 -0.11
N ASP A 329 -15.27 27.08 0.08
CA ASP A 329 -16.35 27.10 -0.90
C ASP A 329 -15.84 27.78 -2.18
N ILE A 330 -16.58 27.56 -3.27
CA ILE A 330 -16.12 28.04 -4.57
C ILE A 330 -16.02 29.56 -4.58
N PHE A 331 -16.90 30.24 -3.83
CA PHE A 331 -16.90 31.70 -3.79
C PHE A 331 -15.65 32.23 -3.09
N LYS A 332 -15.35 31.69 -1.91
CA LYS A 332 -14.12 32.07 -1.20
C LYS A 332 -12.89 31.71 -2.02
N GLN A 333 -12.93 30.55 -2.67
CA GLN A 333 -11.78 30.08 -3.46
C GLN A 333 -11.49 31.01 -4.63
N ALA A 334 -12.53 31.42 -5.36
CA ALA A 334 -12.32 32.29 -6.51
C ALA A 334 -11.80 33.66 -6.07
N THR A 335 -12.26 34.14 -4.91
CA THR A 335 -11.77 35.41 -4.38
C THR A 335 -10.27 35.34 -4.11
N GLU A 336 -9.82 34.27 -3.45
CA GLU A 336 -8.39 34.14 -3.17
C GLU A 336 -7.58 34.00 -4.45
N ASP A 337 -8.11 33.26 -5.43
CA ASP A 337 -7.46 33.09 -6.71
C ASP A 337 -7.58 34.34 -7.61
N ARG A 338 -8.31 35.36 -7.16
CA ARG A 338 -8.49 36.61 -7.91
C ARG A 338 -9.08 36.34 -9.31
N LEU A 339 -10.02 35.41 -9.36
CA LEU A 339 -10.67 35.03 -10.61
C LEU A 339 -11.51 36.17 -11.17
N THR A 340 -11.54 36.26 -12.50
CA THR A 340 -12.34 37.27 -13.19
C THR A 340 -13.26 36.73 -14.27
N SER A 341 -13.04 35.53 -14.78
CA SER A 341 -13.77 35.04 -15.94
C SER A 341 -14.19 33.58 -15.74
N ALA A 342 -15.32 33.22 -16.35
CA ALA A 342 -15.84 31.86 -16.23
C ALA A 342 -14.90 30.83 -16.86
N LYS A 343 -14.10 31.24 -17.84
CA LYS A 343 -13.16 30.31 -18.45
C LYS A 343 -12.09 29.83 -17.49
N GLU A 344 -11.93 30.49 -16.33
CA GLU A 344 -10.97 30.05 -15.33
C GLU A 344 -11.54 29.02 -14.36
N LEU A 345 -12.84 28.73 -14.41
CA LEU A 345 -13.43 27.73 -13.54
C LEU A 345 -13.18 26.33 -14.11
N PRO A 346 -12.81 25.37 -13.27
CA PRO A 346 -12.68 23.98 -13.75
C PRO A 346 -13.99 23.48 -14.36
N TYR A 347 -13.87 22.77 -15.47
CA TYR A 347 -14.98 22.37 -16.33
C TYR A 347 -15.07 20.84 -16.31
N PHE A 348 -16.01 20.31 -15.54
CA PHE A 348 -16.12 18.87 -15.29
C PHE A 348 -17.34 18.30 -16.00
N GLU A 349 -17.28 17.00 -16.28
CA GLU A 349 -18.38 16.32 -16.94
C GLU A 349 -19.58 16.20 -16.01
N GLY A 350 -20.75 16.62 -16.48
CA GLY A 350 -21.97 16.51 -15.72
C GLY A 350 -22.09 17.42 -14.52
N ASP A 351 -21.15 18.36 -14.35
CA ASP A 351 -21.16 19.22 -13.18
C ASP A 351 -22.15 20.38 -13.36
N PHE A 352 -22.47 21.02 -12.23
CA PHE A 352 -23.42 22.11 -12.22
C PHE A 352 -22.94 23.30 -13.04
N TRP A 353 -21.67 23.65 -12.92
CA TRP A 353 -21.14 24.91 -13.47
C TRP A 353 -21.19 24.96 -14.99
N PRO A 354 -20.83 23.91 -15.73
CA PRO A 354 -21.07 23.96 -17.18
C PRO A 354 -22.53 24.22 -17.53
N ASN A 355 -23.48 23.67 -16.77
CA ASN A 355 -24.90 23.90 -17.05
C ASN A 355 -25.28 25.35 -16.82
N VAL A 356 -24.92 25.89 -15.65
CA VAL A 356 -25.34 27.25 -15.30
C VAL A 356 -24.65 28.28 -16.19
N LEU A 357 -23.41 28.02 -16.62
CA LEU A 357 -22.72 28.94 -17.51
C LEU A 357 -23.41 29.03 -18.86
N GLU A 358 -24.00 27.92 -19.33
CA GLU A 358 -24.81 27.98 -20.54
C GLU A 358 -25.97 28.95 -20.37
N GLU A 359 -26.66 28.86 -19.23
CA GLU A 359 -27.80 29.75 -18.97
C GLU A 359 -27.35 31.19 -18.73
N SER A 360 -26.19 31.37 -18.08
CA SER A 360 -25.70 32.72 -17.81
C SER A 360 -25.36 33.46 -19.10
N ILE A 361 -24.61 32.80 -20.00
CA ILE A 361 -24.25 33.44 -21.26
C ILE A 361 -25.49 33.76 -22.08
N LYS A 362 -26.47 32.86 -22.07
CA LYS A 362 -27.71 33.11 -22.79
C LYS A 362 -28.45 34.33 -22.23
N GLU A 363 -28.67 34.35 -20.92
CA GLU A 363 -29.47 35.42 -20.32
C GLU A 363 -28.78 36.78 -20.42
N SER A 364 -27.45 36.80 -20.32
CA SER A 364 -26.70 38.05 -20.39
C SER A 364 -26.44 38.50 -21.82
N GLY A 365 -26.96 37.79 -22.82
CA GLY A 365 -26.75 38.20 -24.20
C GLY A 365 -25.34 38.01 -24.69
N GLY A 366 -24.53 37.20 -24.01
CA GLY A 366 -23.21 36.87 -24.51
C GLY A 366 -22.03 37.14 -23.56
N SER A 367 -22.30 37.37 -22.28
CA SER A 367 -21.25 37.62 -21.30
C SER A 367 -20.87 36.35 -20.56
N GLY A 368 -19.58 36.20 -20.28
CA GLY A 368 -19.08 35.06 -19.51
C GLY A 368 -18.51 35.47 -18.17
N SER A 369 -18.85 36.66 -17.71
CA SER A 369 -18.38 37.14 -16.41
C SER A 369 -19.42 37.91 -15.62
N GLN A 370 -20.63 38.08 -16.14
CA GLN A 370 -21.55 39.11 -15.67
C GLN A 370 -21.93 38.92 -14.20
N LYS A 371 -22.65 37.84 -13.91
CA LYS A 371 -23.10 37.53 -12.56
C LYS A 371 -22.33 36.34 -11.99
N LEU A 372 -21.10 36.16 -12.42
CA LEU A 372 -20.32 34.98 -12.03
C LEU A 372 -20.13 34.94 -10.52
N TYR A 373 -19.76 36.08 -9.92
CA TYR A 373 -19.53 36.10 -8.48
C TYR A 373 -20.83 36.00 -7.70
N ALA A 374 -21.91 36.62 -8.21
CA ALA A 374 -23.20 36.49 -7.55
C ALA A 374 -23.69 35.04 -7.57
N THR A 375 -23.54 34.36 -8.71
CA THR A 375 -23.96 32.96 -8.80
C THR A 375 -23.12 32.08 -7.89
N MET A 376 -21.81 32.34 -7.82
CA MET A 376 -20.96 31.55 -6.94
C MET A 376 -21.33 31.75 -5.48
N GLU A 377 -21.60 33.00 -5.07
CA GLU A 377 -21.99 33.25 -3.69
C GLU A 377 -23.35 32.63 -3.38
N LYS A 378 -24.28 32.72 -4.34
CA LYS A 378 -25.62 32.17 -4.14
C LYS A 378 -25.58 30.69 -3.80
N HIS A 379 -24.61 29.95 -4.37
CA HIS A 379 -24.55 28.49 -4.23
C HIS A 379 -23.30 28.01 -3.49
N LYS A 380 -22.62 28.89 -2.76
CA LYS A 380 -21.26 28.58 -2.32
C LYS A 380 -21.22 27.37 -1.38
N GLU A 381 -22.23 27.21 -0.53
CA GLU A 381 -22.21 26.15 0.49
C GLU A 381 -22.21 24.76 -0.13
N VAL A 382 -22.53 24.64 -1.42
CA VAL A 382 -22.70 23.35 -2.05
C VAL A 382 -21.43 22.87 -2.76
N PHE A 383 -20.47 23.77 -3.03
CA PHE A 383 -19.30 23.45 -3.85
C PHE A 383 -18.03 23.54 -3.01
N PHE A 384 -17.39 22.38 -2.82
CA PHE A 384 -16.18 22.28 -2.02
C PHE A 384 -14.96 22.24 -2.95
N VAL A 385 -13.99 23.11 -2.70
CA VAL A 385 -12.69 23.07 -3.36
C VAL A 385 -11.66 22.68 -2.32
N ILE A 386 -11.01 21.54 -2.53
CA ILE A 386 -10.16 20.89 -1.52
C ILE A 386 -8.71 20.96 -2.00
N ARG A 387 -7.89 21.71 -1.28
CA ARG A 387 -6.49 21.86 -1.65
C ARG A 387 -5.66 20.77 -0.99
N LEU A 388 -5.05 19.90 -1.81
CA LEU A 388 -4.25 18.81 -1.30
C LEU A 388 -2.77 19.14 -1.22
N ILE A 389 -2.21 19.80 -2.24
CA ILE A 389 -0.81 20.22 -2.22
C ILE A 389 -0.77 21.75 -2.30
N ALA A 390 -0.19 22.38 -1.28
CA ALA A 390 -0.23 23.82 -1.12
C ALA A 390 1.19 24.41 -1.18
N GLY A 391 1.23 25.73 -1.30
CA GLY A 391 2.46 26.48 -1.19
C GLY A 391 3.48 26.15 -2.27
N PRO A 392 4.76 26.22 -1.93
CA PRO A 392 5.81 25.94 -2.92
C PRO A 392 5.89 24.47 -3.31
N ALA A 393 5.27 23.57 -2.55
CA ALA A 393 5.32 22.15 -2.91
C ALA A 393 4.54 21.88 -4.20
N ALA A 394 3.56 22.71 -4.52
CA ALA A 394 2.73 22.52 -5.71
C ALA A 394 3.39 23.02 -6.99
N ASN A 395 4.56 23.66 -6.88
CA ASN A 395 5.11 24.38 -8.02
C ASN A 395 5.94 23.49 -8.95
N SER A 396 6.94 22.78 -8.41
CA SER A 396 7.79 21.91 -9.24
C SER A 396 7.41 20.43 -9.12
N LEU A 397 6.14 20.10 -9.40
CA LEU A 397 5.75 18.70 -9.26
C LEU A 397 6.14 17.90 -10.50
N PRO A 398 6.57 16.66 -10.33
CA PRO A 398 6.84 15.79 -11.49
C PRO A 398 5.54 15.34 -12.14
N PRO A 399 5.59 14.77 -13.35
CA PRO A 399 4.35 14.34 -14.01
C PRO A 399 3.62 13.27 -13.22
N ILE A 400 2.30 13.26 -13.37
CA ILE A 400 1.47 12.28 -12.67
C ILE A 400 1.57 10.96 -13.44
N VAL A 401 2.05 9.92 -12.77
CA VAL A 401 2.15 8.59 -13.33
C VAL A 401 1.31 7.66 -12.47
N ASP A 402 0.23 7.14 -13.06
CA ASP A 402 -0.66 6.21 -12.37
C ASP A 402 -0.14 4.79 -12.53
N PRO A 403 0.23 4.10 -11.46
CA PRO A 403 0.75 2.73 -11.61
C PRO A 403 -0.30 1.71 -12.01
N ASP A 404 -1.61 2.04 -11.91
CA ASP A 404 -2.66 1.08 -12.23
C ASP A 404 -3.00 1.12 -13.71
N PRO A 405 -3.34 -0.02 -14.30
CA PRO A 405 -3.66 -0.06 -15.72
C PRO A 405 -5.10 0.38 -15.99
N LEU A 406 -5.41 0.55 -17.27
CA LEU A 406 -6.79 0.73 -17.68
C LEU A 406 -7.59 -0.53 -17.39
N ILE A 407 -8.87 -0.34 -17.09
CA ILE A 407 -9.76 -1.46 -16.83
C ILE A 407 -11.01 -1.28 -17.68
N PRO A 408 -11.07 -1.83 -18.89
CA PRO A 408 -12.29 -1.71 -19.71
C PRO A 408 -13.40 -2.54 -19.10
N CYS A 409 -14.51 -1.88 -18.80
CA CYS A 409 -15.70 -2.56 -18.28
C CYS A 409 -16.89 -1.67 -18.61
N ASP A 410 -17.62 -2.01 -19.67
CA ASP A 410 -18.71 -1.16 -20.13
C ASP A 410 -19.81 -1.03 -19.08
N LEU A 411 -19.99 -2.06 -18.24
CA LEU A 411 -21.04 -2.03 -17.24
C LEU A 411 -20.83 -0.91 -16.24
N MET A 412 -19.58 -0.48 -16.03
CA MET A 412 -19.25 0.50 -15.01
C MET A 412 -18.70 1.80 -15.61
N ASP A 413 -18.97 2.04 -16.90
CA ASP A 413 -18.66 3.32 -17.55
C ASP A 413 -19.85 4.23 -17.32
N GLY A 414 -19.77 5.07 -16.29
CA GLY A 414 -20.94 5.78 -15.83
C GLY A 414 -21.84 4.90 -14.99
N ARG A 415 -22.82 5.52 -14.36
CA ARG A 415 -23.72 4.79 -13.46
C ARG A 415 -24.96 4.25 -14.15
N ASP A 416 -25.23 4.63 -15.41
CA ASP A 416 -26.48 4.24 -16.05
C ASP A 416 -26.52 2.74 -16.34
N ALA A 417 -25.41 2.16 -16.78
CA ALA A 417 -25.43 0.77 -17.25
C ALA A 417 -25.71 -0.20 -16.10
N PHE A 418 -25.07 -0.01 -14.95
CA PHE A 418 -25.31 -0.92 -13.83
C PHE A 418 -26.72 -0.76 -13.29
N LEU A 419 -27.24 0.48 -13.29
CA LEU A 419 -28.62 0.71 -12.90
C LEU A 419 -29.58 -0.02 -13.84
N THR A 420 -29.32 0.05 -15.15
CA THR A 420 -30.16 -0.65 -16.12
C THR A 420 -30.09 -2.16 -15.93
N LEU A 421 -28.88 -2.69 -15.72
CA LEU A 421 -28.75 -4.13 -15.49
C LEU A 421 -29.48 -4.54 -14.22
N ALA A 422 -29.38 -3.73 -13.17
CA ALA A 422 -30.09 -4.03 -11.92
C ALA A 422 -31.60 -3.98 -12.13
N ARG A 423 -32.10 -2.98 -12.85
CA ARG A 423 -33.54 -2.92 -13.14
C ARG A 423 -33.99 -4.12 -13.96
N ASP A 424 -33.21 -4.50 -14.96
CA ASP A 424 -33.59 -5.58 -15.87
C ASP A 424 -33.59 -6.95 -15.22
N LYS A 425 -32.88 -7.12 -14.09
CA LYS A 425 -32.70 -8.44 -13.49
C LYS A 425 -33.14 -8.47 -12.03
N HIS A 426 -33.92 -7.47 -11.60
CA HIS A 426 -34.49 -7.43 -10.26
C HIS A 426 -33.41 -7.47 -9.17
N LEU A 427 -32.33 -6.72 -9.37
CA LEU A 427 -31.26 -6.64 -8.38
C LEU A 427 -31.51 -5.40 -7.51
N GLU A 428 -32.28 -5.60 -6.44
CA GLU A 428 -32.60 -4.53 -5.50
C GLU A 428 -31.61 -4.53 -4.34
N PHE A 429 -31.43 -3.35 -3.76
CA PHE A 429 -30.64 -3.18 -2.55
C PHE A 429 -31.51 -2.66 -1.41
N SER A 430 -32.78 -3.10 -1.39
CA SER A 430 -33.80 -2.56 -0.51
C SER A 430 -33.85 -3.25 0.86
N SER A 431 -33.17 -4.38 1.00
CA SER A 431 -33.08 -5.09 2.27
C SER A 431 -31.75 -5.81 2.29
N LEU A 432 -31.37 -6.28 3.48
CA LEU A 432 -30.08 -6.96 3.61
C LEU A 432 -30.02 -8.22 2.74
N ARG A 433 -31.09 -9.03 2.76
CA ARG A 433 -31.09 -10.25 1.97
C ARG A 433 -31.07 -9.97 0.47
N ARG A 434 -31.84 -8.99 0.01
CA ARG A 434 -31.86 -8.69 -1.42
C ARG A 434 -30.55 -8.05 -1.85
N ALA A 435 -29.97 -7.20 -1.00
CA ALA A 435 -28.69 -6.57 -1.33
C ALA A 435 -27.57 -7.59 -1.42
N GLN A 436 -27.57 -8.60 -0.55
CA GLN A 436 -26.56 -9.66 -0.64
C GLN A 436 -26.70 -10.45 -1.93
N TRP A 437 -27.94 -10.75 -2.34
CA TRP A 437 -28.17 -11.43 -3.61
C TRP A 437 -27.72 -10.56 -4.77
N SER A 438 -28.10 -9.29 -4.76
CA SER A 438 -27.70 -8.38 -5.84
C SER A 438 -26.19 -8.23 -5.88
N THR A 439 -25.54 -8.19 -4.73
CA THR A 439 -24.08 -8.15 -4.69
C THR A 439 -23.48 -9.38 -5.35
N MET A 440 -24.03 -10.56 -5.04
CA MET A 440 -23.54 -11.79 -5.64
C MET A 440 -23.70 -11.78 -7.15
N CYS A 441 -24.86 -11.35 -7.63
CA CYS A 441 -25.08 -11.26 -9.08
C CYS A 441 -24.17 -10.23 -9.73
N MET A 442 -24.00 -9.07 -9.09
CA MET A 442 -23.15 -8.03 -9.63
C MET A 442 -21.70 -8.52 -9.74
N LEU A 443 -21.24 -9.29 -8.76
CA LEU A 443 -19.88 -9.84 -8.81
C LEU A 443 -19.73 -10.86 -9.93
N VAL A 444 -20.74 -11.72 -10.13
CA VAL A 444 -20.70 -12.68 -11.23
C VAL A 444 -20.58 -11.95 -12.56
N GLU A 445 -21.37 -10.88 -12.74
CA GLU A 445 -21.30 -10.10 -13.97
C GLU A 445 -19.92 -9.50 -14.16
N LEU A 446 -19.34 -8.93 -13.09
CA LEU A 446 -18.02 -8.32 -13.20
C LEU A 446 -16.95 -9.37 -13.47
N HIS A 447 -17.12 -10.58 -12.94
CA HIS A 447 -16.11 -11.62 -13.18
C HIS A 447 -16.24 -12.24 -14.56
N THR A 448 -17.46 -12.33 -15.10
CA THR A 448 -17.65 -12.96 -16.41
C THR A 448 -17.40 -11.98 -17.55
N GLN A 449 -17.74 -10.71 -17.37
CA GLN A 449 -17.46 -9.72 -18.40
C GLN A 449 -15.96 -9.54 -18.59
N SER A 450 -15.17 -9.79 -17.54
CA SER A 450 -13.73 -9.61 -17.61
C SER A 450 -13.04 -10.78 -18.30
N GLN A 451 -13.49 -12.02 -18.05
CA GLN A 451 -12.79 -13.18 -18.59
C GLN A 451 -12.87 -13.27 -20.11
N ASP A 452 -13.72 -12.47 -20.74
CA ASP A 452 -13.78 -12.40 -22.19
C ASP A 452 -12.48 -11.84 -22.78
N TYR B 6 35.86 -31.35 -14.25
CA TYR B 6 35.15 -30.17 -13.75
C TYR B 6 34.16 -29.64 -14.79
N CYS B 7 32.97 -29.25 -14.32
CA CYS B 7 31.88 -28.82 -15.20
C CYS B 7 32.27 -27.60 -16.03
N CYS B 8 32.45 -26.47 -15.36
CA CYS B 8 33.15 -25.35 -15.93
C CYS B 8 34.63 -25.71 -16.05
N GLY B 9 35.40 -24.88 -16.75
CA GLY B 9 36.79 -25.23 -16.89
C GLY B 9 37.67 -24.78 -15.73
N ARG B 10 37.08 -24.58 -14.55
CA ARG B 10 37.70 -23.80 -13.49
C ARG B 10 38.03 -24.64 -12.26
N LYS B 11 39.22 -24.39 -11.71
CA LYS B 11 39.63 -24.95 -10.42
C LYS B 11 39.27 -23.93 -9.34
N LEU B 12 38.34 -24.29 -8.45
CA LEU B 12 37.71 -23.35 -7.54
C LEU B 12 37.92 -23.76 -6.09
N GLU B 13 38.20 -22.76 -5.25
CA GLU B 13 38.37 -22.95 -3.81
C GLU B 13 37.86 -21.72 -3.08
N PHE B 14 37.47 -21.91 -1.82
CA PHE B 14 37.04 -20.79 -1.00
C PHE B 14 38.25 -20.02 -0.46
N SER B 15 38.04 -18.71 -0.16
CA SER B 15 39.15 -17.88 0.26
C SER B 15 39.37 -17.94 1.76
N PRO B 16 40.62 -17.78 2.19
CA PRO B 16 40.90 -17.66 3.64
C PRO B 16 40.16 -16.48 4.24
N GLN B 17 39.34 -16.78 5.24
CA GLN B 17 38.62 -15.73 5.96
C GLN B 17 39.53 -14.97 6.90
N THR B 18 39.15 -13.73 7.19
CA THR B 18 39.87 -12.92 8.15
C THR B 18 39.41 -13.29 9.56
N LEU B 19 40.32 -13.25 10.51
CA LEU B 19 40.01 -13.64 11.87
C LEU B 19 40.13 -12.43 12.78
N CYS B 20 40.01 -12.64 14.07
CA CYS B 20 40.00 -11.55 15.04
C CYS B 20 41.13 -11.83 16.00
N CYS B 21 42.03 -10.87 16.15
CA CYS B 21 43.09 -10.97 17.14
C CYS B 21 42.51 -10.65 18.50
N TYR B 22 42.33 -11.69 19.32
CA TYR B 22 41.82 -11.54 20.67
C TYR B 22 42.64 -10.47 21.39
N GLY B 23 42.00 -9.76 22.31
CA GLY B 23 42.65 -8.68 23.03
C GLY B 23 42.27 -7.34 22.41
N LYS B 24 43.09 -6.78 21.54
CA LYS B 24 42.80 -5.45 21.01
C LYS B 24 41.53 -5.53 20.19
N GLN B 25 40.53 -4.73 20.56
CA GLN B 25 39.32 -4.67 19.75
C GLN B 25 39.66 -4.04 18.41
N LEU B 26 38.93 -4.47 17.39
CA LEU B 26 39.10 -4.07 16.00
C LEU B 26 40.42 -4.55 15.41
N CYS B 27 41.17 -5.41 16.11
CA CYS B 27 42.33 -6.00 15.48
C CYS B 27 41.87 -7.21 14.68
N THR B 28 42.43 -7.33 13.48
CA THR B 28 42.02 -8.35 12.54
C THR B 28 43.26 -9.05 12.01
N ILE B 29 43.07 -10.29 11.58
CA ILE B 29 44.15 -11.09 11.00
C ILE B 29 43.83 -11.32 9.53
N PRO B 30 44.58 -10.75 8.60
CA PRO B 30 44.23 -10.84 7.19
C PRO B 30 44.70 -12.15 6.55
N ARG B 31 44.33 -12.30 5.27
CA ARG B 31 44.74 -13.46 4.49
C ARG B 31 46.26 -13.53 4.38
N ASP B 32 46.79 -14.73 4.56
CA ASP B 32 48.22 -15.04 4.41
C ASP B 32 49.06 -14.41 5.52
N ALA B 33 48.44 -13.84 6.55
CA ALA B 33 49.15 -13.32 7.69
C ALA B 33 49.50 -14.44 8.67
N THR B 34 50.48 -14.17 9.51
CA THR B 34 50.94 -15.12 10.52
C THR B 34 50.23 -14.86 11.83
N TYR B 35 49.76 -15.94 12.48
CA TYR B 35 49.00 -15.79 13.72
C TYR B 35 49.25 -16.99 14.63
N TYR B 36 48.72 -16.88 15.85
CA TYR B 36 48.84 -17.90 16.89
C TYR B 36 47.46 -18.27 17.38
N SER B 37 47.15 -19.56 17.46
CA SER B 37 45.82 -20.01 17.82
C SER B 37 45.88 -21.14 18.84
N TYR B 38 44.83 -21.21 19.66
CA TYR B 38 44.65 -22.24 20.68
C TYR B 38 43.28 -22.85 20.47
N GLN B 39 43.24 -24.16 20.24
CA GLN B 39 41.99 -24.90 20.07
C GLN B 39 41.13 -24.36 18.93
N ASN B 40 41.78 -23.80 17.90
CA ASN B 40 41.12 -23.25 16.71
C ASN B 40 40.07 -22.19 17.07
N ARG B 41 40.18 -21.59 18.26
CA ARG B 41 39.21 -20.63 18.74
C ARG B 41 39.81 -19.27 19.03
N TYR B 42 40.91 -19.23 19.77
CA TYR B 42 41.52 -17.99 20.22
C TYR B 42 42.72 -17.68 19.33
N HIS B 43 42.61 -16.64 18.52
CA HIS B 43 43.62 -16.29 17.54
C HIS B 43 44.22 -14.95 17.89
N PHE B 44 45.55 -14.86 17.80
CA PHE B 44 46.29 -13.64 18.06
C PHE B 44 47.21 -13.39 16.88
N CYS B 45 47.22 -12.16 16.36
CA CYS B 45 48.20 -11.84 15.34
C CYS B 45 49.58 -11.72 15.97
N GLU B 46 50.61 -11.83 15.13
CA GLU B 46 51.98 -11.93 15.63
C GLU B 46 52.35 -10.75 16.51
N LYS B 47 52.02 -9.53 16.06
CA LYS B 47 52.36 -8.34 16.84
C LYS B 47 51.60 -8.29 18.16
N CYS B 48 50.27 -8.46 18.11
CA CYS B 48 49.49 -8.39 19.34
C CYS B 48 49.71 -9.60 20.25
N PHE B 49 50.36 -10.66 19.76
CA PHE B 49 50.70 -11.83 20.57
C PHE B 49 52.09 -11.71 21.19
N ASN B 50 53.09 -11.34 20.38
CA ASN B 50 54.43 -11.16 20.93
C ASN B 50 54.51 -9.97 21.86
N GLU B 51 53.51 -9.10 21.86
CA GLU B 51 53.39 -7.96 22.76
C GLU B 51 52.77 -8.32 24.11
N ILE B 52 52.50 -9.60 24.37
CA ILE B 52 52.07 -10.02 25.70
C ILE B 52 53.31 -10.19 26.57
N GLN B 53 53.26 -9.64 27.79
CA GLN B 53 54.41 -9.74 28.67
C GLN B 53 54.38 -11.07 29.41
N GLY B 54 55.40 -11.89 29.19
CA GLY B 54 55.47 -13.21 29.78
C GLY B 54 55.02 -14.31 28.83
N GLU B 55 54.87 -15.50 29.41
CA GLU B 55 54.43 -16.69 28.68
C GLU B 55 52.96 -17.07 28.93
N SER B 56 52.25 -16.33 29.77
CA SER B 56 50.84 -16.60 30.11
C SER B 56 49.87 -15.70 29.36
N VAL B 57 48.75 -16.28 28.89
CA VAL B 57 47.69 -15.53 28.21
C VAL B 57 46.33 -15.83 28.85
N SER B 58 45.62 -14.78 29.27
CA SER B 58 44.29 -14.91 29.87
C SER B 58 43.23 -15.09 28.78
N LEU B 59 42.50 -16.20 28.81
CA LEU B 59 41.48 -16.49 27.81
C LEU B 59 40.11 -16.65 28.49
N GLY B 60 39.05 -16.39 27.72
CA GLY B 60 37.69 -16.48 28.23
C GLY B 60 36.61 -16.18 27.22
N GLN B 67 37.97 -17.14 33.76
CA GLN B 67 39.03 -16.85 32.80
C GLN B 67 40.25 -17.73 33.05
N THR B 68 40.72 -18.40 31.99
CA THR B 68 41.82 -19.34 32.09
C THR B 68 43.12 -18.73 31.55
N THR B 69 44.20 -18.94 32.30
CA THR B 69 45.53 -18.55 31.88
C THR B 69 46.22 -19.74 31.22
N ILE B 70 46.81 -19.52 30.05
CA ILE B 70 47.37 -20.59 29.24
C ILE B 70 48.78 -20.22 28.81
N ASN B 71 49.70 -21.18 28.92
CA ASN B 71 51.08 -20.97 28.52
C ASN B 71 51.16 -20.72 27.02
N LYS B 72 52.10 -19.87 26.63
CA LYS B 72 52.21 -19.44 25.23
C LYS B 72 52.70 -20.58 24.34
N GLU B 73 53.45 -21.53 24.89
CA GLU B 73 53.93 -22.64 24.10
C GLU B 73 52.82 -23.60 23.68
N GLN B 74 51.64 -23.49 24.26
CA GLN B 74 50.52 -24.29 23.80
C GLN B 74 49.82 -23.68 22.58
N PHE B 75 50.26 -22.52 22.13
CA PHE B 75 49.72 -21.90 20.93
C PHE B 75 50.45 -22.43 19.70
N SER B 76 49.72 -22.50 18.58
CA SER B 76 50.27 -22.93 17.31
C SER B 76 50.60 -21.72 16.45
N LYS B 77 51.77 -21.78 15.81
CA LYS B 77 52.17 -20.75 14.85
C LYS B 77 51.72 -21.19 13.47
N ARG B 78 50.87 -20.39 12.82
CA ARG B 78 50.36 -20.77 11.52
C ARG B 78 50.19 -19.52 10.67
N LYS B 79 49.98 -19.75 9.38
CA LYS B 79 49.74 -18.71 8.39
C LYS B 79 48.32 -18.88 7.84
N ASN B 80 47.65 -17.76 7.62
CA ASN B 80 46.23 -17.75 7.26
C ASN B 80 46.08 -18.04 5.76
N ASP B 81 46.47 -19.27 5.37
CA ASP B 81 46.52 -19.63 3.96
C ASP B 81 45.79 -20.93 3.64
N THR B 82 44.83 -21.35 4.47
CA THR B 82 44.07 -22.57 4.18
C THR B 82 43.03 -22.29 3.10
N LEU B 83 43.03 -23.11 2.04
CA LEU B 83 42.07 -22.99 0.94
C LEU B 83 41.23 -24.26 0.90
N ASP B 84 39.94 -24.13 1.20
CA ASP B 84 39.02 -25.25 1.08
C ASP B 84 38.56 -25.40 -0.36
N PRO B 85 38.75 -26.56 -0.99
CA PRO B 85 38.19 -26.75 -2.35
C PRO B 85 36.67 -26.68 -2.34
N GLU B 86 36.12 -26.25 -3.47
CA GLU B 86 34.68 -26.32 -3.66
C GLU B 86 34.25 -27.78 -3.78
N LEU B 87 33.00 -28.05 -3.42
CA LEU B 87 32.47 -29.41 -3.44
C LEU B 87 31.86 -29.72 -4.80
N PHE B 88 31.88 -30.99 -5.15
CA PHE B 88 31.24 -31.48 -6.36
C PHE B 88 30.03 -32.32 -5.98
N VAL B 89 29.06 -32.38 -6.88
CA VAL B 89 27.97 -33.35 -6.80
C VAL B 89 28.02 -34.22 -8.05
N GLU B 90 27.42 -35.40 -7.93
CA GLU B 90 27.48 -36.41 -8.98
C GLU B 90 26.10 -36.62 -9.55
N CYS B 91 25.98 -36.57 -10.87
CA CYS B 91 24.70 -36.87 -11.50
C CYS B 91 24.39 -38.34 -11.29
N THR B 92 23.23 -38.62 -10.71
CA THR B 92 22.86 -39.99 -10.42
C THR B 92 22.55 -40.80 -11.67
N GLU B 93 22.58 -40.20 -12.84
CA GLU B 93 22.28 -40.90 -14.08
C GLU B 93 23.52 -41.12 -14.95
N CYS B 94 24.28 -40.08 -15.30
CA CYS B 94 25.52 -40.35 -16.01
C CYS B 94 26.71 -40.56 -15.07
N GLY B 95 26.66 -40.00 -13.87
CA GLY B 95 27.84 -39.94 -13.04
C GLY B 95 28.71 -38.73 -13.29
N ARG B 96 28.25 -37.79 -14.13
CA ARG B 96 28.98 -36.57 -14.39
C ARG B 96 29.15 -35.76 -13.11
N LYS B 97 30.36 -35.26 -12.88
CA LYS B 97 30.69 -34.49 -11.70
C LYS B 97 30.64 -33.00 -12.00
N MET B 98 29.90 -32.26 -11.19
CA MET B 98 29.77 -30.81 -11.33
C MET B 98 29.97 -30.15 -9.97
N HIS B 99 30.49 -28.92 -10.00
CA HIS B 99 30.49 -28.09 -8.80
C HIS B 99 29.08 -27.96 -8.26
N GLN B 100 28.91 -28.19 -6.95
CA GLN B 100 27.59 -28.06 -6.35
C GLN B 100 27.04 -26.66 -6.54
N ILE B 101 27.89 -25.65 -6.41
CA ILE B 101 27.45 -24.26 -6.55
C ILE B 101 27.09 -23.96 -8.00
N CYS B 102 27.81 -24.55 -8.96
CA CYS B 102 27.55 -24.26 -10.37
C CYS B 102 26.15 -24.70 -10.79
N VAL B 103 25.71 -25.87 -10.31
CA VAL B 103 24.41 -26.41 -10.68
C VAL B 103 23.34 -26.12 -9.64
N LEU B 104 23.70 -25.48 -8.52
CA LEU B 104 22.76 -25.11 -7.47
C LEU B 104 21.89 -26.30 -7.04
N HIS B 105 22.56 -27.36 -6.60
CA HIS B 105 21.87 -28.54 -6.10
C HIS B 105 21.87 -28.52 -4.57
N HIS B 106 20.69 -28.49 -3.98
CA HIS B 106 20.52 -28.54 -2.54
C HIS B 106 19.78 -29.81 -2.17
N GLU B 107 20.33 -30.56 -1.21
CA GLU B 107 19.79 -31.88 -0.89
C GLU B 107 18.42 -31.81 -0.22
N ILE B 108 18.13 -30.74 0.51
CA ILE B 108 16.81 -30.59 1.10
C ILE B 108 15.76 -30.29 0.04
N ILE B 109 16.12 -29.47 -0.96
CA ILE B 109 15.17 -29.09 -1.99
C ILE B 109 14.86 -30.26 -2.91
N TRP B 110 15.87 -31.03 -3.28
CA TRP B 110 15.73 -32.16 -4.20
C TRP B 110 16.33 -33.39 -3.52
N PRO B 111 15.62 -33.97 -2.55
CA PRO B 111 16.20 -35.07 -1.76
C PRO B 111 16.49 -36.33 -2.56
N ALA B 112 15.82 -36.56 -3.69
CA ALA B 112 16.05 -37.79 -4.44
C ALA B 112 17.47 -37.87 -4.99
N GLY B 113 18.10 -36.74 -5.25
CA GLY B 113 19.44 -36.71 -5.79
C GLY B 113 19.55 -35.80 -7.00
N PHE B 114 20.80 -35.51 -7.34
CA PHE B 114 21.11 -34.57 -8.42
C PHE B 114 21.04 -35.26 -9.78
N VAL B 115 20.26 -34.70 -10.69
CA VAL B 115 20.20 -35.13 -12.08
C VAL B 115 20.59 -33.93 -12.93
N CYS B 116 21.61 -34.09 -13.76
CA CYS B 116 22.14 -32.97 -14.51
C CYS B 116 21.15 -32.53 -15.59
N ASP B 117 21.36 -31.30 -16.09
CA ASP B 117 20.48 -30.77 -17.12
C ASP B 117 20.55 -31.61 -18.39
N GLY B 118 21.70 -32.21 -18.67
CA GLY B 118 21.80 -33.05 -19.84
C GLY B 118 20.84 -34.23 -19.80
N CYS B 119 20.84 -34.97 -18.69
CA CYS B 119 19.93 -36.11 -18.60
C CYS B 119 18.48 -35.68 -18.60
N LEU B 120 18.18 -34.48 -18.10
CA LEU B 120 16.80 -34.01 -18.04
C LEU B 120 16.27 -33.67 -19.44
N LYS B 121 17.05 -32.93 -20.23
CA LYS B 121 16.63 -32.60 -21.58
C LYS B 121 16.57 -33.85 -22.45
N LYS B 122 17.45 -34.82 -22.20
CA LYS B 122 17.44 -36.06 -22.96
C LYS B 122 16.13 -36.81 -22.74
N SER B 123 15.56 -36.71 -21.53
CA SER B 123 14.31 -37.37 -21.18
C SER B 123 13.11 -36.43 -21.21
N ALA B 124 13.27 -35.20 -21.71
CA ALA B 124 12.20 -34.21 -21.75
C ALA B 124 11.57 -33.99 -20.38
N ARG B 125 12.43 -33.83 -19.37
CA ARG B 125 12.00 -33.62 -18.00
C ARG B 125 12.67 -32.36 -17.46
N THR B 126 12.07 -31.80 -16.41
CA THR B 126 12.60 -30.62 -15.76
C THR B 126 12.65 -30.84 -14.25
N ARG B 127 13.46 -30.03 -13.58
CA ARG B 127 13.62 -30.13 -12.14
C ARG B 127 12.30 -29.87 -11.42
N LYS B 128 12.08 -30.60 -10.34
CA LYS B 128 10.88 -30.38 -9.53
C LYS B 128 10.92 -28.99 -8.93
N GLU B 129 9.74 -28.39 -8.77
CA GLU B 129 9.66 -26.99 -8.37
C GLU B 129 10.32 -26.78 -7.01
N ASN B 130 11.13 -25.73 -6.91
CA ASN B 130 11.75 -25.34 -5.65
C ASN B 130 10.70 -24.59 -4.83
N LYS B 131 10.20 -25.24 -3.78
CA LYS B 131 9.20 -24.62 -2.92
C LYS B 131 9.82 -23.78 -1.80
N PHE B 132 11.15 -23.74 -1.72
CA PHE B 132 11.85 -22.90 -0.73
C PHE B 132 12.30 -21.59 -1.36
N SER B 133 11.41 -20.90 -2.06
CA SER B 133 11.79 -19.69 -2.77
C SER B 133 11.60 -18.46 -1.88
N ALA B 134 12.17 -17.35 -2.33
CA ALA B 134 11.93 -16.08 -1.64
C ALA B 134 10.47 -15.70 -1.70
N LYS B 135 9.83 -15.94 -2.85
CA LYS B 135 8.42 -15.59 -3.03
C LYS B 135 7.54 -16.29 -2.00
N ARG B 136 7.87 -17.52 -1.65
CA ARG B 136 7.03 -18.33 -0.77
C ARG B 136 7.31 -18.12 0.71
N LEU B 137 8.26 -17.26 1.08
CA LEU B 137 8.38 -16.85 2.46
C LEU B 137 7.11 -16.11 2.90
N PRO B 138 6.66 -16.29 4.13
CA PRO B 138 5.39 -15.67 4.55
C PRO B 138 5.40 -14.16 4.36
N SER B 139 4.26 -13.65 3.89
CA SER B 139 4.15 -12.23 3.55
C SER B 139 3.80 -11.40 4.77
N THR B 140 4.11 -10.11 4.68
CA THR B 140 3.76 -9.13 5.69
C THR B 140 3.25 -7.88 4.99
N ARG B 141 2.52 -7.06 5.74
CA ARG B 141 2.07 -5.79 5.19
C ARG B 141 3.26 -4.90 4.84
N LEU B 142 4.29 -4.89 5.69
CA LEU B 142 5.49 -4.09 5.43
C LEU B 142 6.22 -4.57 4.17
N GLY B 143 6.43 -5.89 4.07
CA GLY B 143 7.13 -6.43 2.92
C GLY B 143 6.37 -6.20 1.61
N THR B 144 5.05 -6.38 1.64
CA THR B 144 4.24 -6.10 0.44
C THR B 144 4.36 -4.65 0.02
N PHE B 145 4.26 -3.74 1.00
CA PHE B 145 4.36 -2.31 0.71
C PHE B 145 5.66 -1.97 0.00
N LEU B 146 6.78 -2.56 0.46
CA LEU B 146 8.08 -2.23 -0.11
C LEU B 146 8.27 -2.84 -1.49
N GLU B 147 7.88 -4.11 -1.67
CA GLU B 147 8.08 -4.76 -2.97
C GLU B 147 7.17 -4.19 -4.04
N ASN B 148 5.95 -3.77 -3.67
CA ASN B 148 5.09 -3.08 -4.62
C ASN B 148 5.72 -1.79 -5.07
N ARG B 149 6.34 -1.05 -4.15
CA ARG B 149 6.99 0.21 -4.51
C ARG B 149 8.15 -0.04 -5.46
N VAL B 150 8.97 -1.06 -5.20
CA VAL B 150 10.14 -1.32 -6.03
C VAL B 150 9.73 -1.79 -7.41
N ASN B 151 8.79 -2.75 -7.47
CA ASN B 151 8.35 -3.27 -8.76
C ASN B 151 7.62 -2.22 -9.56
N ASP B 152 6.85 -1.34 -8.90
CA ASP B 152 6.28 -0.21 -9.60
C ASP B 152 7.36 0.67 -10.18
N PHE B 153 8.42 0.92 -9.41
CA PHE B 153 9.55 1.69 -9.92
C PHE B 153 10.19 1.00 -11.11
N LEU B 154 10.40 -0.32 -11.02
CA LEU B 154 11.07 -1.04 -12.09
C LEU B 154 10.23 -1.02 -13.37
N ARG B 155 8.90 -1.09 -13.23
CA ARG B 155 8.06 -1.05 -14.42
C ARG B 155 8.05 0.34 -15.03
N ARG B 156 8.27 1.39 -14.24
CA ARG B 156 8.44 2.72 -14.81
C ARG B 156 9.71 2.80 -15.65
N GLN B 157 10.77 2.10 -15.21
CA GLN B 157 12.02 2.13 -15.96
C GLN B 157 11.97 1.26 -17.21
N ASN B 158 11.23 0.15 -17.15
CA ASN B 158 11.03 -0.74 -18.30
C ASN B 158 12.37 -1.16 -18.91
N HIS B 159 13.30 -1.56 -18.04
CA HIS B 159 14.58 -2.10 -18.50
C HIS B 159 14.46 -3.60 -18.72
N PRO B 160 14.82 -4.12 -19.90
CA PRO B 160 14.61 -5.54 -20.18
C PRO B 160 15.40 -6.49 -19.28
N GLU B 161 16.42 -6.00 -18.59
CA GLU B 161 17.28 -6.87 -17.79
C GLU B 161 16.79 -7.07 -16.37
N SER B 162 15.87 -6.24 -15.90
CA SER B 162 15.43 -6.30 -14.52
C SER B 162 14.47 -7.47 -14.31
N GLY B 163 14.57 -8.10 -13.14
CA GLY B 163 13.70 -9.18 -12.76
C GLY B 163 12.80 -8.75 -11.59
N GLU B 164 11.87 -9.64 -11.26
CA GLU B 164 10.92 -9.33 -10.19
C GLU B 164 11.63 -9.30 -8.84
N VAL B 165 11.27 -8.30 -8.04
CA VAL B 165 11.87 -8.10 -6.72
C VAL B 165 10.83 -8.50 -5.68
N THR B 166 11.23 -9.34 -4.73
CA THR B 166 10.43 -9.67 -3.57
C THR B 166 11.14 -9.19 -2.31
N VAL B 167 10.36 -8.61 -1.39
CA VAL B 167 10.88 -8.14 -0.12
C VAL B 167 10.15 -8.90 0.98
N ARG B 168 10.91 -9.44 1.92
CA ARG B 168 10.33 -10.24 2.99
C ARG B 168 10.90 -9.83 4.33
N VAL B 169 10.01 -9.60 5.30
CA VAL B 169 10.41 -9.46 6.69
C VAL B 169 10.59 -10.85 7.27
N VAL B 170 11.81 -11.15 7.74
CA VAL B 170 12.13 -12.50 8.19
C VAL B 170 12.33 -12.58 9.69
N HIS B 171 12.18 -11.47 10.42
CA HIS B 171 12.26 -11.50 11.87
C HIS B 171 11.55 -10.29 12.44
N ALA B 172 10.81 -10.50 13.52
CA ALA B 172 10.19 -9.41 14.28
C ALA B 172 10.00 -9.88 15.70
N SER B 173 10.62 -9.19 16.65
CA SER B 173 10.54 -9.57 18.05
C SER B 173 10.67 -8.33 18.93
N ASP B 174 10.11 -8.44 20.13
CA ASP B 174 10.16 -7.37 21.12
C ASP B 174 11.42 -7.49 21.98
N LYS B 175 12.05 -6.34 22.25
CA LYS B 175 13.26 -6.27 23.06
C LYS B 175 13.22 -5.01 23.90
N THR B 176 14.24 -4.85 24.74
CA THR B 176 14.43 -3.60 25.48
C THR B 176 15.89 -3.20 25.35
N VAL B 177 16.14 -1.89 25.25
CA VAL B 177 17.48 -1.36 25.36
C VAL B 177 17.65 -0.82 26.78
N GLU B 178 18.72 -1.26 27.43
CA GLU B 178 18.97 -1.03 28.85
C GLU B 178 19.92 0.13 29.01
N VAL B 179 19.55 1.11 29.86
CA VAL B 179 20.44 2.24 30.09
C VAL B 179 21.69 1.75 30.80
N LYS B 180 22.85 2.14 30.27
CA LYS B 180 24.13 1.65 30.74
C LYS B 180 24.47 2.21 32.13
N PRO B 181 25.40 1.57 32.86
CA PRO B 181 25.59 1.93 34.27
C PRO B 181 25.88 3.39 34.54
N GLY B 182 26.71 4.03 33.70
CA GLY B 182 27.03 5.43 33.93
C GLY B 182 25.81 6.33 33.83
N MET B 183 25.07 6.21 32.73
CA MET B 183 23.84 6.97 32.58
C MET B 183 22.78 6.53 33.58
N LYS B 184 22.79 5.25 33.98
CA LYS B 184 21.84 4.76 34.96
C LYS B 184 22.02 5.46 36.30
N ALA B 185 23.26 5.55 36.78
CA ALA B 185 23.52 6.22 38.05
C ALA B 185 23.21 7.71 37.96
N ARG B 186 23.48 8.33 36.82
CA ARG B 186 23.28 9.77 36.69
C ARG B 186 21.79 10.12 36.62
N PHE B 187 21.03 9.44 35.78
CA PHE B 187 19.67 9.84 35.47
C PHE B 187 18.59 8.87 35.91
N VAL B 188 18.88 7.57 35.95
CA VAL B 188 17.82 6.60 36.24
C VAL B 188 17.57 6.50 37.74
N ASP B 189 18.62 6.45 38.55
CA ASP B 189 18.44 6.26 40.00
C ASP B 189 17.78 7.47 40.66
N SER B 190 17.84 8.65 40.04
CA SER B 190 17.13 9.81 40.53
C SER B 190 15.75 9.98 39.90
N GLY B 191 15.33 9.05 39.04
CA GLY B 191 14.01 9.11 38.46
C GLY B 191 13.83 10.07 37.31
N GLU B 192 14.92 10.53 36.70
CA GLU B 192 14.84 11.49 35.60
C GLU B 192 14.71 10.84 34.24
N MET B 193 14.86 9.52 34.15
CA MET B 193 14.93 8.84 32.86
C MET B 193 14.62 7.36 33.09
N ALA B 194 13.93 6.75 32.13
CA ALA B 194 13.53 5.36 32.25
C ALA B 194 14.75 4.43 32.26
N GLU B 195 14.64 3.33 33.01
CA GLU B 195 15.74 2.38 33.09
C GLU B 195 15.96 1.64 31.78
N SER B 196 14.91 1.50 30.97
CA SER B 196 15.03 0.81 29.69
C SER B 196 13.91 1.26 28.77
N PHE B 197 14.09 0.99 27.49
CA PHE B 197 13.15 1.41 26.45
C PHE B 197 12.75 0.19 25.62
N PRO B 198 11.47 -0.15 25.55
CA PRO B 198 11.05 -1.30 24.74
C PRO B 198 10.98 -0.95 23.28
N TYR B 199 11.36 -1.90 22.43
CA TYR B 199 11.28 -1.67 21.00
C TYR B 199 11.08 -3.00 20.28
N ARG B 200 10.64 -2.89 19.04
CA ARG B 200 10.51 -4.02 18.13
C ARG B 200 11.65 -3.97 17.14
N THR B 201 12.40 -5.06 17.02
CA THR B 201 13.41 -5.17 15.98
C THR B 201 12.86 -5.95 14.80
N LYS B 202 13.22 -5.51 13.59
CA LYS B 202 12.78 -6.17 12.37
C LYS B 202 13.96 -6.35 11.43
N ALA B 203 14.04 -7.52 10.83
CA ALA B 203 15.03 -7.83 9.80
C ALA B 203 14.29 -8.13 8.51
N LEU B 204 14.72 -7.50 7.42
CA LEU B 204 14.10 -7.73 6.13
C LEU B 204 15.16 -7.79 5.05
N PHE B 205 14.87 -8.54 3.99
CA PHE B 205 15.78 -8.72 2.87
C PHE B 205 15.02 -8.51 1.57
N ALA B 206 15.74 -8.07 0.55
CA ALA B 206 15.20 -7.91 -0.79
C ALA B 206 15.88 -8.91 -1.70
N PHE B 207 15.08 -9.58 -2.53
CA PHE B 207 15.58 -10.57 -3.46
C PHE B 207 15.18 -10.19 -4.88
N GLU B 208 16.03 -10.52 -5.84
CA GLU B 208 15.72 -10.32 -7.24
C GLU B 208 15.86 -11.63 -8.00
N GLU B 209 14.87 -11.95 -8.82
CA GLU B 209 14.93 -13.11 -9.69
C GLU B 209 15.81 -12.77 -10.89
N ILE B 210 16.94 -13.47 -11.00
CA ILE B 210 17.91 -13.24 -12.06
C ILE B 210 17.99 -14.54 -12.86
N ASP B 211 17.27 -14.58 -13.99
CA ASP B 211 17.19 -15.75 -14.86
C ASP B 211 16.68 -16.98 -14.09
N GLY B 212 15.53 -16.81 -13.44
CA GLY B 212 14.88 -17.90 -12.75
C GLY B 212 15.54 -18.37 -11.47
N VAL B 213 16.45 -17.58 -10.91
CA VAL B 213 17.18 -17.96 -9.71
C VAL B 213 17.16 -16.79 -8.73
N ASP B 214 16.85 -17.07 -7.47
CA ASP B 214 16.77 -16.04 -6.45
C ASP B 214 18.15 -15.47 -6.13
N LEU B 215 18.21 -14.15 -5.92
CA LEU B 215 19.42 -13.49 -5.45
C LEU B 215 19.08 -12.50 -4.35
N CYS B 216 19.64 -12.70 -3.16
CA CYS B 216 19.51 -11.74 -2.07
C CYS B 216 20.53 -10.62 -2.29
N PHE B 217 20.06 -9.39 -2.48
CA PHE B 217 20.96 -8.29 -2.76
C PHE B 217 20.92 -7.16 -1.73
N PHE B 218 20.03 -7.21 -0.74
CA PHE B 218 19.91 -6.12 0.22
C PHE B 218 19.38 -6.67 1.53
N GLY B 219 19.91 -6.16 2.63
CA GLY B 219 19.43 -6.54 3.96
C GLY B 219 19.45 -5.35 4.90
N MET B 220 18.58 -5.41 5.91
CA MET B 220 18.40 -4.30 6.83
C MET B 220 17.78 -4.79 8.13
N HIS B 221 18.28 -4.28 9.26
CA HIS B 221 17.66 -4.45 10.56
C HIS B 221 17.33 -3.08 11.13
N VAL B 222 16.17 -2.97 11.78
CA VAL B 222 15.69 -1.70 12.31
C VAL B 222 15.18 -1.88 13.74
N GLN B 223 15.16 -0.78 14.48
CA GLN B 223 14.59 -0.71 15.81
C GLN B 223 13.42 0.27 15.78
N GLU B 224 12.27 -0.15 16.30
CA GLU B 224 11.05 0.65 16.25
C GLU B 224 10.49 0.81 17.66
N TYR B 225 10.48 2.05 18.14
CA TYR B 225 10.02 2.38 19.49
C TYR B 225 8.63 3.00 19.37
N GLY B 226 7.63 2.29 19.90
CA GLY B 226 6.25 2.65 19.69
C GLY B 226 5.77 3.81 20.55
N SER B 227 4.46 4.06 20.49
CA SER B 227 3.87 5.16 21.24
C SER B 227 3.69 4.83 22.72
N ASP B 228 3.90 3.59 23.13
CA ASP B 228 3.93 3.24 24.55
C ASP B 228 5.34 3.37 25.14
N CYS B 229 6.33 3.68 24.32
CA CYS B 229 7.69 3.87 24.81
C CYS B 229 7.80 5.21 25.54
N PRO B 230 8.50 5.25 26.67
CA PRO B 230 8.72 6.54 27.34
C PRO B 230 9.63 7.43 26.51
N PRO B 231 9.52 8.75 26.66
CA PRO B 231 10.50 9.65 26.06
C PRO B 231 11.88 9.36 26.63
N PRO B 232 12.95 9.68 25.90
CA PRO B 232 12.97 10.41 24.62
C PRO B 232 12.88 9.54 23.37
N ASN B 233 12.51 8.26 23.51
CA ASN B 233 12.58 7.32 22.40
C ASN B 233 11.27 7.12 21.65
N GLN B 234 10.16 7.68 22.13
CA GLN B 234 8.86 7.25 21.63
C GLN B 234 8.61 7.72 20.20
N ARG B 235 7.95 6.86 19.42
CA ARG B 235 7.59 7.14 18.03
C ARG B 235 8.82 7.42 17.17
N ARG B 236 9.88 6.65 17.38
CA ARG B 236 11.12 6.80 16.62
C ARG B 236 11.54 5.47 16.04
N VAL B 237 12.12 5.49 14.84
CA VAL B 237 12.73 4.31 14.25
C VAL B 237 14.21 4.60 14.04
N TYR B 238 15.01 3.56 14.20
CA TYR B 238 16.45 3.64 14.06
C TYR B 238 16.93 2.48 13.22
N ILE B 239 17.73 2.77 12.21
CA ILE B 239 18.31 1.72 11.38
C ILE B 239 19.52 1.14 12.10
N SER B 240 19.46 -0.15 12.43
CA SER B 240 20.59 -0.79 13.10
C SER B 240 21.76 -0.98 12.14
N TYR B 241 21.52 -1.64 11.02
CA TYR B 241 22.57 -1.77 10.01
C TYR B 241 21.94 -2.04 8.65
N LEU B 242 22.70 -1.67 7.61
CA LEU B 242 22.35 -1.90 6.22
C LEU B 242 23.47 -2.64 5.53
N ASP B 243 23.12 -3.44 4.53
CA ASP B 243 24.14 -4.14 3.74
C ASP B 243 23.56 -4.51 2.38
N SER B 244 24.45 -4.80 1.44
CA SER B 244 24.07 -5.09 0.07
C SER B 244 25.12 -5.96 -0.60
N VAL B 245 24.68 -6.71 -1.62
CA VAL B 245 25.55 -7.43 -2.54
C VAL B 245 25.27 -6.87 -3.93
N HIS B 246 26.33 -6.42 -4.62
CA HIS B 246 26.19 -5.43 -5.68
C HIS B 246 25.83 -6.02 -7.04
N PHE B 247 25.12 -7.14 -7.05
CA PHE B 247 24.83 -7.85 -8.29
C PHE B 247 23.41 -7.60 -8.82
N PHE B 248 22.72 -6.56 -8.35
CA PHE B 248 21.40 -6.26 -8.89
C PHE B 248 21.50 -5.98 -10.38
N ARG B 249 20.60 -6.59 -11.15
CA ARG B 249 20.54 -6.46 -12.61
C ARG B 249 19.38 -5.58 -13.00
N PRO B 250 19.59 -4.47 -13.75
CA PRO B 250 20.85 -3.96 -14.26
C PRO B 250 21.56 -3.05 -13.26
N LYS B 251 22.86 -2.82 -13.49
CA LYS B 251 23.65 -2.03 -12.55
C LYS B 251 23.16 -0.59 -12.47
N CYS B 252 22.69 -0.04 -13.59
CA CYS B 252 22.32 1.38 -13.62
C CYS B 252 21.09 1.68 -12.77
N LEU B 253 20.36 0.68 -12.31
CA LEU B 253 19.21 0.88 -11.43
C LEU B 253 19.47 0.42 -10.01
N ARG B 254 20.68 -0.03 -9.68
CA ARG B 254 20.96 -0.59 -8.36
C ARG B 254 20.79 0.45 -7.26
N THR B 255 21.44 1.61 -7.41
CA THR B 255 21.34 2.64 -6.37
C THR B 255 19.90 3.12 -6.21
N ALA B 256 19.21 3.34 -7.33
CA ALA B 256 17.84 3.80 -7.26
C ALA B 256 16.95 2.81 -6.54
N VAL B 257 17.18 1.51 -6.75
CA VAL B 257 16.37 0.49 -6.08
C VAL B 257 16.61 0.53 -4.57
N TYR B 258 17.86 0.68 -4.14
CA TYR B 258 18.15 0.85 -2.72
C TYR B 258 17.37 2.02 -2.14
N HIS B 259 17.38 3.15 -2.83
CA HIS B 259 16.65 4.34 -2.36
C HIS B 259 15.16 4.06 -2.24
N GLU B 260 14.60 3.33 -3.21
CA GLU B 260 13.17 3.01 -3.17
C GLU B 260 12.84 2.20 -1.92
N ILE B 261 13.70 1.25 -1.55
CA ILE B 261 13.47 0.46 -0.34
C ILE B 261 13.51 1.35 0.90
N LEU B 262 14.52 2.22 0.99
CA LEU B 262 14.67 3.06 2.17
C LEU B 262 13.57 4.11 2.25
N ILE B 263 13.25 4.75 1.12
CA ILE B 263 12.17 5.74 1.13
C ILE B 263 10.85 5.07 1.45
N GLY B 264 10.59 3.90 0.86
CA GLY B 264 9.37 3.18 1.16
C GLY B 264 9.23 2.83 2.63
N TYR B 265 10.35 2.44 3.26
CA TYR B 265 10.30 2.12 4.68
C TYR B 265 9.94 3.35 5.52
N LEU B 266 10.52 4.51 5.18
CA LEU B 266 10.16 5.74 5.87
C LEU B 266 8.70 6.09 5.63
N GLU B 267 8.22 5.89 4.39
CA GLU B 267 6.81 6.14 4.09
C GLU B 267 5.91 5.22 4.91
N TYR B 268 6.31 3.96 5.07
CA TYR B 268 5.48 2.98 5.77
C TYR B 268 5.37 3.31 7.25
N VAL B 269 6.50 3.56 7.92
CA VAL B 269 6.45 3.80 9.36
C VAL B 269 5.82 5.15 9.66
N LYS B 270 5.93 6.12 8.75
CA LYS B 270 5.19 7.36 8.91
C LYS B 270 3.70 7.09 8.92
N LYS B 271 3.23 6.23 8.01
CA LYS B 271 1.80 5.90 7.95
C LYS B 271 1.34 5.25 9.24
N LEU B 272 2.19 4.42 9.86
CA LEU B 272 1.84 3.80 11.13
C LEU B 272 1.80 4.80 12.27
N GLY B 273 2.49 5.94 12.14
CA GLY B 273 2.46 6.96 13.16
C GLY B 273 3.80 7.25 13.82
N TYR B 274 4.88 6.68 13.29
CA TYR B 274 6.21 7.03 13.79
C TYR B 274 6.60 8.41 13.28
N THR B 275 7.08 9.27 14.17
CA THR B 275 7.30 10.66 13.84
C THR B 275 8.71 10.97 13.34
N THR B 276 9.71 10.18 13.73
CA THR B 276 11.11 10.52 13.46
C THR B 276 11.91 9.28 13.13
N GLY B 277 12.83 9.41 12.18
CA GLY B 277 13.77 8.35 11.85
C GLY B 277 15.19 8.79 12.14
N HIS B 278 16.04 7.81 12.45
CA HIS B 278 17.43 8.07 12.86
C HIS B 278 18.37 7.15 12.10
N ILE B 279 19.41 7.74 11.51
CA ILE B 279 20.43 6.99 10.78
C ILE B 279 21.81 7.39 11.29
N TRP B 280 22.63 6.39 11.61
CA TRP B 280 24.05 6.58 11.92
C TRP B 280 24.82 6.13 10.68
N ALA B 281 25.29 7.10 9.90
CA ALA B 281 26.04 6.83 8.68
C ALA B 281 27.46 6.39 9.05
N CYS B 282 27.65 5.08 9.17
CA CYS B 282 28.89 4.52 9.72
C CYS B 282 29.39 3.40 8.83
N PRO B 283 30.40 3.65 8.00
CA PRO B 283 30.94 2.58 7.17
C PRO B 283 31.54 1.49 8.02
N PRO B 284 31.45 0.24 7.57
CA PRO B 284 32.08 -0.87 8.29
C PRO B 284 33.60 -0.80 8.22
N SER B 285 34.23 -1.47 9.18
CA SER B 285 35.67 -1.69 9.11
C SER B 285 36.00 -2.58 7.92
N GLU B 286 37.22 -2.43 7.39
CA GLU B 286 37.61 -3.19 6.21
C GLU B 286 37.42 -4.69 6.42
N GLY B 287 37.84 -5.20 7.58
CA GLY B 287 37.77 -6.62 7.82
C GLY B 287 36.41 -7.15 8.19
N ASP B 288 35.41 -6.30 8.35
CA ASP B 288 34.12 -6.77 8.84
C ASP B 288 33.11 -6.77 7.71
N ASP B 289 32.14 -7.67 7.85
CA ASP B 289 31.00 -7.78 6.94
C ASP B 289 29.77 -7.57 7.81
N TYR B 290 28.99 -6.54 7.50
CA TYR B 290 27.82 -6.24 8.32
C TYR B 290 26.80 -7.36 8.38
N ILE B 291 26.12 -7.63 7.29
CA ILE B 291 25.08 -8.64 7.24
C ILE B 291 25.48 -9.84 6.37
N PHE B 292 26.07 -9.59 5.22
CA PHE B 292 26.45 -10.63 4.28
C PHE B 292 27.92 -11.00 4.45
N HIS B 293 28.18 -12.30 4.56
CA HIS B 293 29.53 -12.80 4.71
C HIS B 293 30.25 -12.79 3.37
N CYS B 294 31.49 -12.26 3.36
CA CYS B 294 32.39 -12.35 2.21
C CYS B 294 31.83 -11.65 0.97
N HIS B 295 31.77 -10.31 1.06
CA HIS B 295 31.40 -9.46 -0.08
C HIS B 295 32.35 -9.68 -1.25
N PRO B 296 31.95 -9.33 -2.46
CA PRO B 296 32.86 -9.41 -3.61
C PRO B 296 34.08 -8.54 -3.41
N PRO B 297 35.27 -9.00 -3.81
CA PRO B 297 36.48 -8.21 -3.56
C PRO B 297 36.47 -6.82 -4.19
N ASP B 298 35.73 -6.62 -5.28
CA ASP B 298 35.70 -5.32 -5.93
C ASP B 298 34.45 -4.50 -5.58
N GLN B 299 33.69 -4.93 -4.57
CA GLN B 299 32.66 -4.07 -3.99
C GLN B 299 33.29 -3.25 -2.88
N LYS B 300 33.25 -1.93 -3.03
CA LYS B 300 34.01 -1.05 -2.16
C LYS B 300 33.16 -0.56 -0.99
N ILE B 301 33.79 -0.47 0.17
CA ILE B 301 33.19 0.19 1.32
C ILE B 301 33.28 1.69 1.03
N PRO B 302 32.16 2.41 1.01
CA PRO B 302 32.23 3.85 0.76
C PRO B 302 32.99 4.57 1.86
N LYS B 303 33.68 5.63 1.46
CA LYS B 303 34.31 6.52 2.44
C LYS B 303 33.22 7.35 3.12
N PRO B 304 33.49 7.85 4.33
CA PRO B 304 32.43 8.53 5.11
C PRO B 304 31.67 9.59 4.34
N LYS B 305 32.37 10.48 3.62
CA LYS B 305 31.69 11.55 2.90
C LYS B 305 30.79 11.00 1.81
N ARG B 306 31.24 9.96 1.11
CA ARG B 306 30.46 9.36 0.04
C ARG B 306 29.18 8.72 0.57
N LEU B 307 29.27 8.07 1.73
CA LEU B 307 28.10 7.48 2.36
C LEU B 307 27.11 8.55 2.82
N GLN B 308 27.62 9.65 3.39
CA GLN B 308 26.75 10.73 3.84
C GLN B 308 26.01 11.35 2.66
N GLU B 309 26.70 11.56 1.54
CA GLU B 309 26.06 12.07 0.33
C GLU B 309 24.97 11.12 -0.14
N TRP B 310 25.25 9.82 -0.09
CA TRP B 310 24.31 8.80 -0.52
C TRP B 310 23.02 8.89 0.29
N PHE B 311 23.14 9.08 1.60
CA PHE B 311 21.94 9.26 2.43
C PHE B 311 21.26 10.59 2.14
N LYS B 312 22.04 11.64 1.89
CA LYS B 312 21.45 12.92 1.51
C LYS B 312 20.67 12.80 0.20
N LYS B 313 21.24 12.08 -0.77
CA LYS B 313 20.56 11.83 -2.03
C LYS B 313 19.22 11.14 -1.80
N MET B 314 19.22 10.08 -1.00
CA MET B 314 17.99 9.34 -0.73
C MET B 314 16.97 10.22 -0.01
N LEU B 315 17.41 10.98 0.98
CA LEU B 315 16.48 11.80 1.76
C LEU B 315 15.94 12.96 0.94
N ASP B 316 16.74 13.49 0.02
CA ASP B 316 16.24 14.56 -0.86
C ASP B 316 15.09 14.07 -1.72
N LYS B 317 15.21 12.86 -2.29
CA LYS B 317 14.09 12.31 -3.06
C LYS B 317 12.87 12.10 -2.18
N ALA B 318 13.08 11.70 -0.92
CA ALA B 318 11.96 11.50 -0.01
C ALA B 318 11.29 12.82 0.36
N VAL B 319 12.05 13.91 0.46
CA VAL B 319 11.46 15.21 0.73
C VAL B 319 10.60 15.67 -0.45
N SER B 320 11.17 15.60 -1.65
CA SER B 320 10.46 16.04 -2.85
C SER B 320 9.29 15.12 -3.18
N GLU B 321 9.31 13.88 -2.70
CA GLU B 321 8.15 13.00 -2.81
C GLU B 321 7.11 13.30 -1.73
N ARG B 322 7.42 14.25 -0.84
CA ARG B 322 6.52 14.70 0.21
C ARG B 322 6.24 13.62 1.25
N ILE B 323 7.19 12.70 1.42
CA ILE B 323 7.14 11.72 2.51
C ILE B 323 7.87 12.24 3.75
N VAL B 324 9.12 12.65 3.56
CA VAL B 324 9.92 13.25 4.63
C VAL B 324 9.70 14.75 4.63
N HIS B 325 9.32 15.30 5.79
CA HIS B 325 9.13 16.74 5.89
C HIS B 325 10.46 17.48 5.77
N ASP B 326 11.46 17.06 6.54
CA ASP B 326 12.82 17.59 6.45
C ASP B 326 13.74 16.70 7.28
N TYR B 327 15.04 16.99 7.20
CA TYR B 327 16.03 16.26 7.99
C TYR B 327 17.19 17.19 8.33
N LYS B 328 17.85 16.89 9.44
CA LYS B 328 18.99 17.67 9.91
C LYS B 328 20.00 16.75 10.56
N ASP B 329 21.24 17.22 10.65
CA ASP B 329 22.22 16.53 11.48
C ASP B 329 21.86 16.73 12.96
N ILE B 330 22.46 15.88 13.82
CA ILE B 330 22.07 15.85 15.23
C ILE B 330 22.34 17.19 15.91
N PHE B 331 23.36 17.91 15.47
CA PHE B 331 23.69 19.20 16.09
C PHE B 331 22.61 20.24 15.81
N LYS B 332 22.23 20.40 14.54
CA LYS B 332 21.18 21.35 14.20
C LYS B 332 19.85 20.95 14.86
N GLN B 333 19.57 19.65 14.89
CA GLN B 333 18.32 19.17 15.50
C GLN B 333 18.26 19.47 16.98
N ALA B 334 19.35 19.23 17.71
CA ALA B 334 19.35 19.49 19.15
C ALA B 334 19.18 20.98 19.45
N THR B 335 19.78 21.83 18.61
CA THR B 335 19.62 23.27 18.77
C THR B 335 18.15 23.67 18.62
N GLU B 336 17.48 23.16 17.58
CA GLU B 336 16.09 23.51 17.35
C GLU B 336 15.20 23.00 18.48
N ASP B 337 15.48 21.81 18.99
CA ASP B 337 14.73 21.26 20.11
C ASP B 337 15.10 21.92 21.43
N ARG B 338 16.08 22.83 21.43
CA ARG B 338 16.51 23.55 22.62
C ARG B 338 16.93 22.57 23.71
N LEU B 339 17.62 21.52 23.29
CA LEU B 339 18.09 20.47 24.19
C LEU B 339 19.14 21.04 25.15
N THR B 340 19.13 20.51 26.38
CA THR B 340 20.09 20.92 27.40
C THR B 340 20.82 19.77 28.09
N SER B 341 20.30 18.54 28.02
CA SER B 341 20.83 17.44 28.80
C SER B 341 20.90 16.18 27.95
N ALA B 342 21.86 15.32 28.30
CA ALA B 342 22.03 14.06 27.57
C ALA B 342 20.83 13.15 27.72
N LYS B 343 20.06 13.28 28.81
CA LYS B 343 18.87 12.46 28.99
C LYS B 343 17.80 12.75 27.95
N GLU B 344 17.92 13.86 27.23
CA GLU B 344 16.98 14.19 26.15
C GLU B 344 17.37 13.57 24.81
N LEU B 345 18.56 12.93 24.73
CA LEU B 345 19.01 12.28 23.52
C LEU B 345 18.34 10.91 23.39
N PRO B 346 17.88 10.55 22.19
CA PRO B 346 17.36 9.19 21.99
C PRO B 346 18.43 8.15 22.28
N TYR B 347 18.01 7.07 22.94
CA TYR B 347 18.92 6.06 23.47
C TYR B 347 18.64 4.74 22.76
N PHE B 348 19.48 4.40 21.77
CA PHE B 348 19.24 3.24 20.92
C PHE B 348 20.26 2.14 21.22
N GLU B 349 19.86 0.90 20.90
CA GLU B 349 20.72 -0.25 21.14
C GLU B 349 21.89 -0.24 20.16
N GLY B 350 23.10 -0.41 20.69
CA GLY B 350 24.28 -0.48 19.85
C GLY B 350 24.67 0.81 19.18
N ASP B 351 24.02 1.92 19.54
CA ASP B 351 24.27 3.20 18.89
C ASP B 351 25.51 3.88 19.50
N PHE B 352 26.00 4.88 18.77
CA PHE B 352 27.19 5.63 19.17
C PHE B 352 26.98 6.33 20.51
N TRP B 353 25.84 6.96 20.69
CA TRP B 353 25.59 7.87 21.80
C TRP B 353 25.55 7.22 23.18
N PRO B 354 24.91 6.06 23.38
CA PRO B 354 25.04 5.41 24.69
C PRO B 354 26.47 5.13 25.11
N ASN B 355 27.35 4.75 24.18
CA ASN B 355 28.74 4.49 24.52
C ASN B 355 29.45 5.79 24.90
N VAL B 356 29.30 6.83 24.08
CA VAL B 356 30.04 8.06 24.33
C VAL B 356 29.56 8.76 25.60
N LEU B 357 28.26 8.65 25.93
CA LEU B 357 27.78 9.25 27.17
C LEU B 357 28.38 8.57 28.38
N GLU B 358 28.67 7.27 28.29
CA GLU B 358 29.39 6.59 29.37
C GLU B 358 30.75 7.21 29.59
N GLU B 359 31.49 7.43 28.51
CA GLU B 359 32.83 8.02 28.63
C GLU B 359 32.75 9.48 29.05
N SER B 360 31.72 10.19 28.61
CA SER B 360 31.56 11.61 28.98
C SER B 360 31.32 11.76 30.47
N ILE B 361 30.37 10.99 31.02
CA ILE B 361 30.07 11.10 32.45
C ILE B 361 31.28 10.72 33.29
N LYS B 362 32.02 9.70 32.85
CA LYS B 362 33.21 9.29 33.57
C LYS B 362 34.26 10.39 33.57
N GLU B 363 34.60 10.90 32.38
CA GLU B 363 35.70 11.85 32.25
C GLU B 363 35.38 13.17 32.93
N SER B 364 34.12 13.59 32.92
CA SER B 364 33.71 14.84 33.55
C SER B 364 33.47 14.71 35.04
N GLY B 365 33.71 13.54 35.62
CA GLY B 365 33.47 13.36 37.04
C GLY B 365 32.01 13.32 37.43
N GLY B 366 31.11 13.10 36.48
CA GLY B 366 29.71 12.91 36.82
C GLY B 366 28.72 13.86 36.17
N SER B 367 29.13 14.54 35.11
CA SER B 367 28.24 15.48 34.43
C SER B 367 27.51 14.78 33.30
N GLY B 368 26.24 15.12 33.11
CA GLY B 368 25.45 14.57 32.05
C GLY B 368 25.13 15.56 30.95
N SER B 369 25.80 16.71 30.90
CA SER B 369 25.60 17.66 29.83
C SER B 369 26.87 18.40 29.42
N GLN B 370 28.03 18.10 30.02
CA GLN B 370 29.16 19.02 29.98
C GLN B 370 29.65 19.28 28.56
N LYS B 371 30.12 18.24 27.86
CA LYS B 371 30.65 18.39 26.51
C LYS B 371 29.64 17.92 25.47
N LEU B 372 28.35 17.97 25.81
CA LEU B 372 27.32 17.40 24.94
C LEU B 372 27.26 18.09 23.59
N TYR B 373 27.25 19.44 23.59
CA TYR B 373 27.10 20.14 22.32
C TYR B 373 28.39 20.07 21.49
N ALA B 374 29.54 20.11 22.14
CA ALA B 374 30.80 19.95 21.41
C ALA B 374 30.89 18.58 20.77
N THR B 375 30.47 17.54 21.49
CA THR B 375 30.50 16.19 20.93
C THR B 375 29.55 16.06 19.75
N MET B 376 28.35 16.66 19.86
CA MET B 376 27.39 16.58 18.76
C MET B 376 27.91 17.29 17.52
N GLU B 377 28.51 18.48 17.67
CA GLU B 377 29.01 19.20 16.51
C GLU B 377 30.18 18.47 15.85
N LYS B 378 31.09 17.91 16.66
CA LYS B 378 32.26 17.23 16.11
C LYS B 378 31.88 16.13 15.15
N HIS B 379 30.76 15.44 15.41
CA HIS B 379 30.37 14.27 14.63
C HIS B 379 29.07 14.50 13.85
N LYS B 380 28.64 15.75 13.70
CA LYS B 380 27.27 16.01 13.26
C LYS B 380 26.98 15.45 11.87
N GLU B 381 27.97 15.46 10.96
CA GLU B 381 27.75 15.02 9.60
C GLU B 381 27.39 13.55 9.52
N VAL B 382 27.61 12.79 10.59
CA VAL B 382 27.39 11.35 10.58
C VAL B 382 26.01 10.95 11.09
N PHE B 383 25.32 11.85 11.81
CA PHE B 383 24.08 11.50 12.51
C PHE B 383 22.91 12.25 11.88
N PHE B 384 22.01 11.50 11.24
CA PHE B 384 20.86 12.04 10.54
C PHE B 384 19.61 11.92 11.41
N VAL B 385 18.89 13.03 11.59
CA VAL B 385 17.58 13.02 12.23
C VAL B 385 16.54 13.38 11.17
N ILE B 386 15.63 12.45 10.90
CA ILE B 386 14.71 12.54 9.76
C ILE B 386 13.31 12.75 10.31
N ARG B 387 12.73 13.92 10.03
CA ARG B 387 11.39 14.24 10.52
C ARG B 387 10.35 13.79 9.50
N LEU B 388 9.52 12.84 9.89
CA LEU B 388 8.47 12.30 9.03
C LEU B 388 7.12 12.98 9.27
N ILE B 389 6.75 13.19 10.54
CA ILE B 389 5.54 13.88 10.92
C ILE B 389 5.96 15.14 11.68
N ALA B 390 5.49 16.30 11.21
CA ALA B 390 6.01 17.59 11.67
C ALA B 390 5.02 18.35 12.53
N SER B 396 -1.12 14.57 19.41
CA SER B 396 -2.49 14.41 18.95
C SER B 396 -2.65 13.18 18.07
N LEU B 397 -1.59 12.37 17.99
CA LEU B 397 -1.59 11.19 17.14
C LEU B 397 -2.24 10.01 17.84
N PRO B 398 -2.96 9.15 17.10
CA PRO B 398 -3.55 7.94 17.71
C PRO B 398 -2.46 6.94 18.06
N PRO B 399 -2.78 5.91 18.85
CA PRO B 399 -1.77 4.91 19.20
C PRO B 399 -1.26 4.15 17.98
N ILE B 400 0.01 3.77 18.04
CA ILE B 400 0.65 3.05 16.94
C ILE B 400 0.27 1.58 17.01
N VAL B 401 -0.34 1.08 15.94
CA VAL B 401 -0.74 -0.31 15.83
C VAL B 401 0.00 -0.94 14.66
N ASP B 402 0.84 -1.94 14.94
CA ASP B 402 1.54 -2.66 13.88
C ASP B 402 0.62 -3.77 13.40
N PRO B 403 0.16 -3.73 12.14
CA PRO B 403 -0.76 -4.78 11.67
C PRO B 403 -0.09 -6.13 11.47
N ASP B 404 1.26 -6.18 11.43
CA ASP B 404 1.97 -7.44 11.21
C ASP B 404 2.25 -8.13 12.54
N PRO B 405 2.24 -9.46 12.56
CA PRO B 405 2.50 -10.20 13.79
C PRO B 405 3.99 -10.31 14.05
N LEU B 406 4.32 -10.79 15.24
CA LEU B 406 5.68 -11.15 15.55
C LEU B 406 6.12 -12.33 14.69
N ILE B 407 7.41 -12.36 14.36
CA ILE B 407 7.99 -13.46 13.59
C ILE B 407 9.22 -13.97 14.31
N PRO B 408 9.09 -14.99 15.16
CA PRO B 408 10.27 -15.54 15.83
C PRO B 408 11.18 -16.22 14.82
N CYS B 409 12.43 -15.79 14.79
CA CYS B 409 13.43 -16.39 13.92
C CYS B 409 14.79 -16.10 14.56
N ASP B 410 15.33 -17.10 15.27
CA ASP B 410 16.58 -16.88 16.00
C ASP B 410 17.74 -16.56 15.07
N LEU B 411 17.70 -17.09 13.84
CA LEU B 411 18.78 -16.86 12.89
C LEU B 411 18.92 -15.38 12.53
N MET B 412 17.82 -14.62 12.61
CA MET B 412 17.82 -13.22 12.17
C MET B 412 17.57 -12.25 13.32
N ASP B 413 17.79 -12.68 14.57
CA ASP B 413 17.72 -11.81 15.73
C ASP B 413 19.08 -11.16 15.89
N GLY B 414 19.23 -9.97 15.34
CA GLY B 414 20.53 -9.37 15.19
C GLY B 414 21.27 -9.96 14.00
N ARG B 415 22.42 -9.36 13.67
CA ARG B 415 23.19 -9.79 12.52
C ARG B 415 24.21 -10.88 12.84
N ASP B 416 24.46 -11.17 14.12
CA ASP B 416 25.54 -12.09 14.46
C ASP B 416 25.24 -13.51 13.99
N ALA B 417 24.00 -13.96 14.16
CA ALA B 417 23.67 -15.37 13.89
C ALA B 417 23.80 -15.70 12.42
N PHE B 418 23.33 -14.83 11.52
CA PHE B 418 23.43 -15.10 10.09
C PHE B 418 24.88 -15.08 9.62
N LEU B 419 25.69 -14.17 10.18
CA LEU B 419 27.11 -14.18 9.87
C LEU B 419 27.76 -15.50 10.30
N THR B 420 27.40 -15.97 11.50
CA THR B 420 27.96 -17.21 12.02
C THR B 420 27.57 -18.40 11.15
N LEU B 421 26.30 -18.48 10.76
CA LEU B 421 25.87 -19.58 9.91
C LEU B 421 26.56 -19.54 8.55
N ALA B 422 26.72 -18.34 7.98
CA ALA B 422 27.39 -18.22 6.70
C ALA B 422 28.85 -18.65 6.78
N ARG B 423 29.55 -18.23 7.84
CA ARG B 423 30.92 -18.70 8.05
C ARG B 423 30.96 -20.20 8.27
N ASP B 424 30.02 -20.71 9.05
CA ASP B 424 30.01 -22.13 9.38
C ASP B 424 29.73 -23.02 8.17
N LYS B 425 29.16 -22.47 7.10
CA LYS B 425 28.73 -23.29 5.97
C LYS B 425 29.28 -22.82 4.63
N HIS B 426 30.30 -21.97 4.63
CA HIS B 426 30.95 -21.50 3.39
C HIS B 426 29.95 -20.80 2.46
N LEU B 427 29.07 -19.98 3.04
CA LEU B 427 28.08 -19.22 2.27
C LEU B 427 28.63 -17.83 2.01
N GLU B 428 29.35 -17.69 0.90
CA GLU B 428 29.91 -16.40 0.50
C GLU B 428 28.98 -15.67 -0.45
N PHE B 429 29.05 -14.34 -0.41
CA PHE B 429 28.36 -13.48 -1.36
C PHE B 429 29.36 -12.73 -2.24
N SER B 430 30.47 -13.40 -2.56
CA SER B 430 31.62 -12.81 -3.20
C SER B 430 31.57 -12.82 -4.72
N SER B 431 30.65 -13.57 -5.31
CA SER B 431 30.47 -13.60 -6.75
C SER B 431 29.00 -13.91 -7.02
N LEU B 432 28.58 -13.72 -8.28
CA LEU B 432 27.17 -13.96 -8.60
C LEU B 432 26.80 -15.42 -8.35
N ARG B 433 27.66 -16.36 -8.78
CA ARG B 433 27.34 -17.77 -8.60
C ARG B 433 27.32 -18.16 -7.14
N ARG B 434 28.27 -17.67 -6.34
CA ARG B 434 28.30 -18.01 -4.93
C ARG B 434 27.18 -17.30 -4.17
N ALA B 435 26.86 -16.06 -4.55
CA ALA B 435 25.78 -15.35 -3.90
C ALA B 435 24.42 -16.01 -4.17
N GLN B 436 24.24 -16.55 -5.37
CA GLN B 436 23.01 -17.28 -5.67
C GLN B 436 22.91 -18.55 -4.84
N TRP B 437 24.03 -19.25 -4.65
CA TRP B 437 24.02 -20.46 -3.82
C TRP B 437 23.70 -20.12 -2.37
N SER B 438 24.37 -19.10 -1.82
CA SER B 438 24.12 -18.69 -0.44
C SER B 438 22.68 -18.24 -0.24
N THR B 439 22.12 -17.54 -1.22
CA THR B 439 20.72 -17.16 -1.14
C THR B 439 19.82 -18.38 -1.06
N MET B 440 20.11 -19.39 -1.89
CA MET B 440 19.32 -20.61 -1.87
C MET B 440 19.44 -21.32 -0.52
N CYS B 441 20.65 -21.38 0.03
CA CYS B 441 20.85 -22.00 1.34
C CYS B 441 20.17 -21.18 2.44
N MET B 442 20.29 -19.86 2.38
CA MET B 442 19.67 -19.00 3.38
C MET B 442 18.15 -19.16 3.37
N LEU B 443 17.55 -19.28 2.18
CA LEU B 443 16.11 -19.45 2.08
C LEU B 443 15.67 -20.80 2.64
N VAL B 444 16.43 -21.86 2.39
CA VAL B 444 16.11 -23.16 2.98
C VAL B 444 16.11 -23.06 4.50
N GLU B 445 17.12 -22.37 5.06
CA GLU B 445 17.18 -22.19 6.50
C GLU B 445 15.97 -21.40 7.02
N LEU B 446 15.60 -20.33 6.32
CA LEU B 446 14.48 -19.51 6.76
C LEU B 446 13.15 -20.27 6.68
N HIS B 447 13.02 -21.19 5.73
CA HIS B 447 11.80 -21.98 5.59
C HIS B 447 11.67 -23.09 6.63
N THR B 448 12.78 -23.58 7.19
CA THR B 448 12.73 -24.69 8.13
C THR B 448 12.35 -24.20 9.53
N GLN B 449 11.24 -24.73 10.06
CA GLN B 449 10.81 -24.45 11.42
C GLN B 449 11.72 -25.10 12.46
ZN ZN C . -37.39 -17.28 2.01
ZN ZN D . -32.14 -30.71 0.36
ZN ZN E . -44.79 13.54 -15.46
N 6YI F . -25.48 9.80 -0.21
CA 6YI F . -26.32 9.30 -1.38
C 6YI F . -27.67 9.03 -1.15
O 6YI F . -28.40 9.87 -0.65
CB 6YI F . -26.14 10.31 -2.51
CAF 6YI F . -29.40 7.50 -1.38
CAG 6YI F . -29.93 7.21 -0.15
CAH 6YI F . -31.26 6.84 -0.07
CAI 6YI F . -32.01 6.78 -1.23
CAJ 6YI F . -31.43 7.07 -2.39
CAK 6YI F . -30.17 7.42 -2.46
CAL 6YI F . -29.97 7.63 -3.74
CAQ 6YI F . -25.64 11.29 -0.03
CAT 6YI F . -24.79 8.83 0.44
CAV 6YI F . -23.88 9.21 1.64
CAW 6YI F . -24.56 9.88 2.66
CAX 6YI F . -25.74 9.36 3.17
CAY 6YI F . -26.43 10.03 4.16
CAZ 6YI F . -25.95 11.24 4.65
CBA 6YI F . -24.78 11.76 4.14
CBB 6YI F . -24.09 11.09 3.14
CBD 6YI F . -25.93 13.04 6.09
CBE 6YI F . -23.25 7.99 2.22
CBF 6YI F . -21.89 7.82 1.55
CBG 6YI F . -21.82 8.92 0.54
CBH 6YI F . -22.67 9.98 1.15
NAE 6YI F . -28.11 7.84 -1.57
NAM 6YI F . -31.13 7.40 -4.35
NAN 6YI F . -31.90 7.10 -3.63
OAR 6YI F . -23.95 12.14 -1.95
OAS 6YI F . -26.25 13.12 -1.90
OAU 6YI F . -24.86 7.68 0.07
OBC 6YI F . -26.63 11.89 5.63
SAP 6YI F . -25.42 11.89 -1.70
ZN ZN G . 31.80 -25.43 -12.11
ZN ZN H . 23.35 -36.57 -16.14
ZN ZN I . 45.97 -8.75 16.10
N 6YI J . 26.62 -0.04 2.51
CA 6YI J . 27.26 -1.20 3.27
C 6YI J . 28.52 -1.59 2.84
O 6YI J . 29.45 -0.82 2.86
CB 6YI J . 27.32 -0.81 4.75
CAF 6YI J . 29.79 -3.37 2.18
CAG 6YI J . 30.35 -3.23 0.91
CAH 6YI J . 31.58 -3.81 0.68
CAI 6YI J . 32.19 -4.51 1.69
CAJ 6YI J . 31.59 -4.62 2.88
CAK 6YI J . 30.42 -4.06 3.11
CAL 6YI J . 30.13 -4.36 4.36
CAQ 6YI J . 27.14 1.28 3.00
CAT 6YI J . 25.73 -0.42 1.57
CAV 6YI J . 24.99 0.66 0.72
CAW 6YI J . 25.85 1.51 0.02
CAX 6YI J . 25.76 2.88 0.15
CAY 6YI J . 26.65 3.70 -0.52
CAZ 6YI J . 27.63 3.14 -1.34
CBA 6YI J . 27.73 1.77 -1.46
CBB 6YI J . 26.84 0.95 -0.78
CBD 6YI J . 28.19 5.30 -1.80
CBE 6YI J . 24.08 0.02 -0.29
CBF 6YI J . 22.70 -0.06 0.35
CBG 6YI J . 22.87 0.47 1.73
CBH 6YI J . 24.00 1.44 1.56
NAE 6YI J . 28.61 -2.88 2.53
NAM 6YI J . 31.15 -5.07 4.81
NAN 6YI J . 31.95 -5.22 4.01
OAR 6YI J . 25.69 1.52 5.29
OAS 6YI J . 28.19 1.84 5.42
OAU 6YI J . 25.50 -1.60 1.38
OBC 6YI J . 28.50 3.94 -2.01
SAP 6YI J . 27.05 1.08 4.77
#